data_9DSQ
#
_entry.id   9DSQ
#
_cell.length_a   153.825
_cell.length_b   153.825
_cell.length_c   86.892
_cell.angle_alpha   90.00
_cell.angle_beta   90.00
_cell.angle_gamma   120.00
#
_symmetry.space_group_name_H-M   'P 31 2 1'
#
loop_
_entity.id
_entity.type
_entity.pdbx_description
1 polymer 'Threonylcarbamoyl-AMP synthase'
2 non-polymer DIPHOSPHATE
3 non-polymer threonylcarbamoyladenylate
4 non-polymer 'MAGNESIUM ION'
5 non-polymer 'ACETATE ION'
6 non-polymer GLYCEROL
7 non-polymer DI(HYDROXYETHYL)ETHER
8 water water
#
_entity_poly.entity_id   1
_entity_poly.type   'polypeptide(L)'
_entity_poly.pdbx_seq_one_letter_code
;GSHMASTRVLKVDPLFPDEKVLKEAAELLRNGEVIIFPTETVYGIGADAYNEEACKKIFKLKERPADNPLIVHIHSFKQL
EEIAEGYEPHLDFLKKFWPGPLTVIFRKKSEKIPPVVTADLPTVAVRMPAHPVALKLIELFGHPIAAPSANISGRPSATN
VKHVIEDFMGKVKLIIDAGDTPFGLESTIVDLTKEKPVLLRPGPVEVERLKELFPELVVPDFVRKGNFKGRPLAPGMKYR
HYAPLKPLILVEDLTKMEEVLKKYPDHVVICVEERKELYDDRIVVGSLKNPYSIAQNIFSALREAEKMGKEYIIVEGFEE
RGILFAVMNRLRKAATEIVR
;
_entity_poly.pdbx_strand_id   A,B
#
# COMPACT_ATOMS: atom_id res chain seq x y z
N SER A 6 20.61 -14.74 -11.42
CA SER A 6 20.75 -14.25 -10.06
C SER A 6 19.59 -13.31 -9.77
N THR A 7 18.51 -13.86 -9.21
CA THR A 7 17.24 -13.17 -9.03
C THR A 7 17.38 -12.08 -7.97
N ARG A 8 17.15 -10.83 -8.35
CA ARG A 8 17.04 -9.74 -7.40
C ARG A 8 15.59 -9.62 -6.93
N VAL A 9 15.41 -9.45 -5.62
CA VAL A 9 14.12 -9.20 -5.01
C VAL A 9 14.19 -7.81 -4.39
N LEU A 10 13.42 -6.88 -4.95
CA LEU A 10 13.47 -5.49 -4.54
C LEU A 10 12.13 -5.12 -3.94
N LYS A 11 12.16 -4.73 -2.67
CA LYS A 11 10.95 -4.34 -1.94
C LYS A 11 10.64 -2.88 -2.30
N VAL A 12 9.36 -2.55 -2.49
CA VAL A 12 8.95 -1.17 -2.73
C VAL A 12 7.68 -0.88 -1.94
N ASP A 13 7.50 0.40 -1.60
CA ASP A 13 6.26 0.83 -0.99
C ASP A 13 5.12 0.67 -2.01
N PRO A 14 3.94 0.15 -1.62
CA PRO A 14 2.83 -0.01 -2.57
C PRO A 14 2.18 1.28 -3.07
N LEU A 15 2.26 2.38 -2.30
CA LEU A 15 1.59 3.62 -2.66
C LEU A 15 2.49 4.57 -3.44
N PHE A 16 3.78 4.63 -3.07
CA PHE A 16 4.75 5.54 -3.65
C PHE A 16 6.04 4.76 -3.87
N PRO A 17 6.09 3.84 -4.85
CA PRO A 17 7.28 3.03 -5.03
C PRO A 17 8.48 3.87 -5.47
N ASP A 18 9.67 3.45 -5.06
CA ASP A 18 10.91 4.04 -5.50
C ASP A 18 11.02 3.92 -7.03
N GLU A 19 10.94 5.05 -7.73
CA GLU A 19 10.99 5.06 -9.19
C GLU A 19 12.30 4.49 -9.72
N LYS A 20 13.37 4.46 -8.90
CA LYS A 20 14.63 3.87 -9.32
C LYS A 20 14.49 2.36 -9.47
N VAL A 21 13.70 1.72 -8.59
CA VAL A 21 13.45 0.29 -8.74
C VAL A 21 12.61 0.07 -9.99
N LEU A 22 11.62 0.93 -10.21
CA LEU A 22 10.75 0.78 -11.36
C LEU A 22 11.56 0.95 -12.64
N LYS A 23 12.51 1.89 -12.66
CA LYS A 23 13.34 2.12 -13.83
C LYS A 23 14.14 0.86 -14.14
N GLU A 24 14.70 0.22 -13.10
CA GLU A 24 15.45 -1.01 -13.32
C GLU A 24 14.56 -2.06 -13.97
N ALA A 25 13.30 -2.14 -13.51
CA ALA A 25 12.35 -3.08 -14.07
C ALA A 25 12.03 -2.73 -15.53
N ALA A 26 11.83 -1.43 -15.79
CA ALA A 26 11.52 -0.95 -17.13
C ALA A 26 12.63 -1.30 -18.12
N GLU A 27 13.89 -1.19 -17.67
CA GLU A 27 15.04 -1.51 -18.50
C GLU A 27 15.03 -2.98 -18.90
N LEU A 28 14.79 -3.86 -17.93
N LEU A 28 14.78 -3.86 -17.93
CA LEU A 28 14.70 -5.30 -18.17
CA LEU A 28 14.72 -5.29 -18.21
C LEU A 28 13.60 -5.58 -19.20
C LEU A 28 13.60 -5.58 -19.20
N LEU A 29 12.47 -4.89 -19.07
CA LEU A 29 11.36 -5.08 -20.01
C LEU A 29 11.80 -4.65 -21.42
N ARG A 30 12.52 -3.53 -21.52
CA ARG A 30 13.06 -3.06 -22.80
C ARG A 30 14.03 -4.08 -23.39
N ASN A 31 14.79 -4.78 -22.54
CA ASN A 31 15.73 -5.79 -23.00
C ASN A 31 15.03 -7.10 -23.34
N GLY A 32 13.70 -7.13 -23.31
CA GLY A 32 12.95 -8.33 -23.64
C GLY A 32 13.02 -9.38 -22.54
N GLU A 33 13.28 -8.94 -21.31
CA GLU A 33 13.28 -9.83 -20.15
C GLU A 33 11.88 -9.93 -19.55
N VAL A 34 11.69 -10.94 -18.72
CA VAL A 34 10.47 -11.15 -17.97
C VAL A 34 10.71 -10.73 -16.52
N ILE A 35 9.76 -9.99 -15.94
CA ILE A 35 9.86 -9.62 -14.55
C ILE A 35 8.56 -9.97 -13.83
N ILE A 36 8.60 -9.99 -12.50
CA ILE A 36 7.43 -10.25 -11.69
C ILE A 36 7.14 -9.01 -10.86
N PHE A 37 5.86 -8.63 -10.85
CA PHE A 37 5.43 -7.38 -10.24
C PHE A 37 4.11 -7.62 -9.52
N PRO A 38 3.79 -6.81 -8.48
CA PRO A 38 2.50 -6.92 -7.80
C PRO A 38 1.37 -6.23 -8.56
N THR A 39 0.15 -6.69 -8.31
CA THR A 39 -1.06 -5.93 -8.58
C THR A 39 -1.97 -6.08 -7.36
N GLU A 40 -3.14 -5.43 -7.43
CA GLU A 40 -4.12 -5.51 -6.35
C GLU A 40 -4.78 -6.88 -6.25
N THR A 41 -4.62 -7.74 -7.28
CA THR A 41 -5.27 -9.05 -7.30
C THR A 41 -4.27 -10.13 -6.91
N VAL A 42 -3.43 -10.51 -7.87
CA VAL A 42 -2.35 -11.45 -7.66
C VAL A 42 -1.10 -10.86 -8.29
N TYR A 43 0.07 -11.43 -7.97
CA TYR A 43 1.30 -11.06 -8.63
C TYR A 43 1.20 -11.49 -10.08
N GLY A 44 1.80 -10.69 -10.97
CA GLY A 44 1.89 -11.04 -12.38
C GLY A 44 3.34 -11.31 -12.80
N ILE A 45 3.47 -12.09 -13.87
CA ILE A 45 4.76 -12.31 -14.50
C ILE A 45 4.67 -11.78 -15.93
N GLY A 46 5.43 -10.71 -16.21
CA GLY A 46 5.13 -9.85 -17.33
C GLY A 46 6.31 -9.64 -18.27
N ALA A 47 5.95 -9.30 -19.51
CA ALA A 47 6.89 -8.89 -20.55
C ALA A 47 6.26 -7.79 -21.40
N ASP A 48 7.13 -7.10 -22.14
CA ASP A 48 6.72 -6.16 -23.16
C ASP A 48 5.64 -6.80 -24.04
N ALA A 49 4.45 -6.20 -24.08
CA ALA A 49 3.31 -6.77 -24.78
C ALA A 49 3.46 -6.68 -26.31
N TYR A 50 4.39 -5.85 -26.79
CA TYR A 50 4.67 -5.73 -28.22
C TYR A 50 5.89 -6.56 -28.61
N ASN A 51 6.41 -7.39 -27.69
CA ASN A 51 7.61 -8.17 -27.98
C ASN A 51 7.28 -9.65 -27.94
N GLU A 52 7.05 -10.21 -29.13
CA GLU A 52 6.70 -11.61 -29.34
C GLU A 52 7.66 -12.53 -28.58
N GLU A 53 8.97 -12.30 -28.75
CA GLU A 53 9.97 -13.21 -28.23
C GLU A 53 9.95 -13.23 -26.70
N ALA A 54 9.72 -12.06 -26.10
CA ALA A 54 9.73 -11.91 -24.65
C ALA A 54 8.50 -12.58 -24.06
N CYS A 55 7.37 -12.47 -24.75
CA CYS A 55 6.13 -13.07 -24.29
C CYS A 55 6.22 -14.59 -24.37
N LYS A 56 6.94 -15.11 -25.38
CA LYS A 56 7.16 -16.54 -25.48
C LYS A 56 7.86 -17.04 -24.21
N LYS A 57 8.78 -16.24 -23.65
CA LYS A 57 9.49 -16.65 -22.44
C LYS A 57 8.49 -16.89 -21.30
N ILE A 58 7.39 -16.14 -21.27
CA ILE A 58 6.42 -16.27 -20.18
C ILE A 58 5.83 -17.67 -20.20
N PHE A 59 5.45 -18.14 -21.40
CA PHE A 59 4.91 -19.49 -21.58
C PHE A 59 5.93 -20.52 -21.12
N LYS A 60 7.20 -20.37 -21.53
CA LYS A 60 8.24 -21.34 -21.17
C LYS A 60 8.35 -21.39 -19.65
N LEU A 61 8.51 -20.23 -19.02
CA LEU A 61 8.78 -20.13 -17.59
C LEU A 61 7.63 -20.73 -16.78
N LYS A 62 6.40 -20.53 -17.24
CA LYS A 62 5.23 -21.00 -16.52
C LYS A 62 4.92 -22.45 -16.86
N GLU A 63 5.45 -22.94 -18.00
CA GLU A 63 5.14 -24.26 -18.52
C GLU A 63 3.67 -24.25 -18.94
N ARG A 64 3.30 -23.22 -19.71
CA ARG A 64 1.91 -22.89 -19.97
C ARG A 64 1.56 -23.26 -21.41
N PRO A 65 0.39 -23.87 -21.66
CA PRO A 65 -0.10 -24.06 -23.02
C PRO A 65 -0.11 -22.77 -23.84
N ALA A 66 0.26 -22.87 -25.12
CA ALA A 66 0.30 -21.72 -26.01
C ALA A 66 -1.11 -21.21 -26.32
N ASP A 67 -2.12 -22.05 -26.08
CA ASP A 67 -3.49 -21.71 -26.44
C ASP A 67 -4.15 -20.88 -25.35
N ASN A 68 -3.46 -20.66 -24.21
CA ASN A 68 -4.00 -19.91 -23.09
C ASN A 68 -3.53 -18.45 -23.17
N PRO A 69 -4.38 -17.51 -23.61
CA PRO A 69 -3.95 -16.14 -23.88
C PRO A 69 -3.62 -15.32 -22.63
N LEU A 70 -2.87 -14.24 -22.84
CA LEU A 70 -2.34 -13.39 -21.79
CA LEU A 70 -2.34 -13.39 -21.79
C LEU A 70 -3.18 -12.13 -21.68
N ILE A 71 -3.31 -11.61 -20.45
CA ILE A 71 -3.96 -10.32 -20.23
C ILE A 71 -2.93 -9.20 -20.44
N VAL A 72 -3.36 -8.17 -21.16
CA VAL A 72 -2.54 -7.01 -21.49
C VAL A 72 -2.89 -5.90 -20.51
N HIS A 73 -1.87 -5.42 -19.77
CA HIS A 73 -2.06 -4.43 -18.72
C HIS A 73 -1.69 -3.04 -19.23
N ILE A 74 -2.58 -2.07 -19.00
CA ILE A 74 -2.41 -0.71 -19.48
C ILE A 74 -2.53 0.25 -18.31
N HIS A 75 -2.11 1.51 -18.51
CA HIS A 75 -2.24 2.51 -17.47
C HIS A 75 -3.15 3.67 -17.89
N SER A 76 -3.49 3.80 -19.17
CA SER A 76 -4.31 4.93 -19.60
C SER A 76 -5.36 4.48 -20.60
N PHE A 77 -6.46 5.24 -20.65
CA PHE A 77 -7.52 5.01 -21.61
C PHE A 77 -7.00 5.24 -23.02
N LYS A 78 -5.97 6.08 -23.17
CA LYS A 78 -5.40 6.32 -24.49
C LYS A 78 -4.79 5.04 -25.05
N GLN A 79 -4.22 4.19 -24.18
CA GLN A 79 -3.63 2.94 -24.63
C GLN A 79 -4.71 1.99 -25.13
N LEU A 80 -5.92 2.13 -24.59
CA LEU A 80 -7.03 1.27 -24.97
C LEU A 80 -7.29 1.43 -26.48
N GLU A 81 -7.24 2.68 -26.95
CA GLU A 81 -7.42 3.00 -28.35
C GLU A 81 -6.36 2.33 -29.22
N GLU A 82 -5.14 2.18 -28.70
CA GLU A 82 -4.05 1.57 -29.46
C GLU A 82 -4.29 0.07 -29.69
N ILE A 83 -5.01 -0.61 -28.78
CA ILE A 83 -4.97 -2.07 -28.76
C ILE A 83 -6.34 -2.70 -29.06
N ALA A 84 -7.44 -1.95 -28.89
CA ALA A 84 -8.76 -2.51 -29.00
C ALA A 84 -9.69 -1.64 -29.86
N GLU A 85 -10.75 -2.24 -30.39
CA GLU A 85 -11.80 -1.49 -31.07
C GLU A 85 -13.17 -1.96 -30.62
N GLY A 86 -14.11 -1.02 -30.57
CA GLY A 86 -15.51 -1.31 -30.31
C GLY A 86 -15.89 -1.05 -28.85
N TYR A 87 -15.01 -0.37 -28.13
CA TYR A 87 -15.11 -0.23 -26.68
C TYR A 87 -15.83 1.05 -26.30
N GLU A 88 -16.09 1.92 -27.29
CA GLU A 88 -16.53 3.29 -27.05
C GLU A 88 -17.87 3.30 -26.31
N PRO A 89 -18.82 2.38 -26.60
CA PRO A 89 -20.06 2.34 -25.85
C PRO A 89 -19.90 1.90 -24.40
N HIS A 90 -18.77 1.23 -24.09
CA HIS A 90 -18.52 0.74 -22.74
C HIS A 90 -17.61 1.66 -21.94
N LEU A 91 -17.22 2.83 -22.49
CA LEU A 91 -16.33 3.74 -21.78
C LEU A 91 -16.92 4.21 -20.46
N ASP A 92 -18.24 4.46 -20.40
CA ASP A 92 -18.87 4.84 -19.14
C ASP A 92 -18.61 3.74 -18.10
N PHE A 93 -18.80 2.49 -18.51
CA PHE A 93 -18.62 1.35 -17.64
C PHE A 93 -17.16 1.30 -17.17
N LEU A 94 -16.23 1.33 -18.13
CA LEU A 94 -14.82 1.18 -17.83
C LEU A 94 -14.37 2.25 -16.83
N LYS A 95 -14.78 3.49 -17.07
CA LYS A 95 -14.37 4.61 -16.22
C LYS A 95 -14.91 4.46 -14.81
N LYS A 96 -15.88 3.55 -14.62
CA LYS A 96 -16.47 3.34 -13.31
C LYS A 96 -15.73 2.25 -12.54
N PHE A 97 -14.92 1.41 -13.21
CA PHE A 97 -14.28 0.27 -12.56
C PHE A 97 -12.77 0.27 -12.76
N TRP A 98 -12.26 1.16 -13.63
CA TRP A 98 -10.83 1.25 -13.87
C TRP A 98 -10.25 2.56 -13.38
N PRO A 99 -9.00 2.57 -12.84
CA PRO A 99 -8.25 1.35 -12.54
C PRO A 99 -8.94 0.45 -11.53
N GLY A 100 -8.73 -0.86 -11.65
CA GLY A 100 -9.36 -1.78 -10.71
C GLY A 100 -9.35 -3.22 -11.18
N PRO A 101 -9.87 -4.14 -10.33
CA PRO A 101 -9.73 -5.58 -10.55
C PRO A 101 -10.71 -6.16 -11.57
N LEU A 102 -10.71 -5.57 -12.76
CA LEU A 102 -11.59 -5.98 -13.86
C LEU A 102 -10.75 -6.15 -15.12
N THR A 103 -10.95 -7.27 -15.80
CA THR A 103 -10.39 -7.53 -17.11
C THR A 103 -11.56 -7.62 -18.08
N VAL A 104 -11.44 -6.96 -19.25
CA VAL A 104 -12.49 -6.96 -20.24
CA VAL A 104 -12.49 -6.98 -20.25
C VAL A 104 -11.93 -7.51 -21.56
N ILE A 105 -12.75 -8.28 -22.26
CA ILE A 105 -12.43 -8.82 -23.58
C ILE A 105 -13.02 -7.89 -24.64
N PHE A 106 -12.15 -7.43 -25.56
CA PHE A 106 -12.54 -6.65 -26.72
C PHE A 106 -11.94 -7.28 -27.98
N ARG A 107 -12.51 -6.90 -29.14
CA ARG A 107 -11.90 -7.18 -30.42
C ARG A 107 -10.51 -6.54 -30.47
N LYS A 108 -9.54 -7.30 -30.98
CA LYS A 108 -8.17 -6.84 -31.13
C LYS A 108 -8.08 -5.89 -32.33
N LYS A 109 -7.60 -4.65 -32.10
CA LYS A 109 -7.23 -3.77 -33.19
C LYS A 109 -5.75 -3.98 -33.50
N SER A 110 -4.92 -3.52 -32.56
CA SER A 110 -3.47 -3.53 -32.68
C SER A 110 -2.97 -4.74 -33.46
N GLU A 111 -2.08 -4.47 -34.43
CA GLU A 111 -1.16 -5.47 -34.93
C GLU A 111 0.14 -5.40 -34.14
N LYS A 112 0.26 -4.40 -33.26
CA LYS A 112 1.40 -4.26 -32.38
C LYS A 112 1.44 -5.42 -31.38
N ILE A 113 0.28 -5.95 -30.97
CA ILE A 113 0.24 -7.06 -30.03
C ILE A 113 0.36 -8.38 -30.80
N PRO A 114 1.52 -9.09 -30.72
CA PRO A 114 1.71 -10.30 -31.50
C PRO A 114 0.70 -11.40 -31.17
N PRO A 115 0.54 -12.39 -32.08
CA PRO A 115 -0.45 -13.46 -31.89
C PRO A 115 -0.21 -14.33 -30.66
N VAL A 116 1.06 -14.50 -30.26
CA VAL A 116 1.40 -15.31 -29.10
C VAL A 116 0.69 -14.79 -27.86
N VAL A 117 0.51 -13.46 -27.77
CA VAL A 117 -0.08 -12.84 -26.60
C VAL A 117 -1.55 -13.22 -26.51
N THR A 118 -2.25 -13.19 -27.65
CA THR A 118 -3.69 -13.42 -27.69
C THR A 118 -4.02 -14.85 -28.12
N ALA A 119 -3.01 -15.74 -28.19
CA ALA A 119 -3.19 -17.10 -28.67
C ALA A 119 -3.95 -17.10 -29.99
N ASP A 120 -3.52 -16.24 -30.93
CA ASP A 120 -4.05 -16.18 -32.29
C ASP A 120 -5.51 -15.77 -32.34
N LEU A 121 -6.11 -15.40 -31.19
CA LEU A 121 -7.52 -15.05 -31.16
C LEU A 121 -7.68 -13.65 -31.74
N PRO A 122 -8.88 -13.29 -32.28
CA PRO A 122 -9.17 -11.92 -32.70
C PRO A 122 -9.61 -11.01 -31.55
N THR A 123 -9.52 -11.51 -30.31
CA THR A 123 -9.87 -10.75 -29.12
C THR A 123 -8.64 -10.56 -28.24
N VAL A 124 -8.69 -9.52 -27.40
CA VAL A 124 -7.64 -9.26 -26.44
C VAL A 124 -8.27 -8.97 -25.07
N ALA A 125 -7.67 -9.53 -24.03
CA ALA A 125 -8.04 -9.22 -22.66
C ALA A 125 -7.22 -8.03 -22.18
N VAL A 126 -7.93 -7.02 -21.66
CA VAL A 126 -7.31 -5.77 -21.24
C VAL A 126 -7.67 -5.51 -19.77
N ARG A 127 -6.67 -5.08 -18.99
CA ARG A 127 -6.85 -4.70 -17.59
C ARG A 127 -6.01 -3.45 -17.29
N MET A 128 -6.63 -2.53 -16.55
CA MET A 128 -5.95 -1.38 -15.98
C MET A 128 -5.91 -1.58 -14.47
N PRO A 129 -4.79 -2.10 -13.91
CA PRO A 129 -4.74 -2.48 -12.50
C PRO A 129 -4.70 -1.29 -11.56
N ALA A 130 -5.47 -1.37 -10.45
CA ALA A 130 -5.44 -0.36 -9.41
C ALA A 130 -4.39 -0.75 -8.38
N HIS A 131 -3.13 -0.62 -8.79
CA HIS A 131 -2.00 -0.79 -7.90
C HIS A 131 -0.95 0.20 -8.40
N PRO A 132 -0.56 1.21 -7.59
CA PRO A 132 0.38 2.23 -8.04
C PRO A 132 1.68 1.66 -8.63
N VAL A 133 2.15 0.52 -8.13
CA VAL A 133 3.38 -0.06 -8.64
C VAL A 133 3.20 -0.48 -10.10
N ALA A 134 2.10 -1.19 -10.39
CA ALA A 134 1.81 -1.67 -11.73
C ALA A 134 1.62 -0.49 -12.68
N LEU A 135 0.80 0.49 -12.26
CA LEU A 135 0.48 1.63 -13.08
C LEU A 135 1.75 2.41 -13.42
N LYS A 136 2.55 2.70 -12.39
CA LYS A 136 3.75 3.50 -12.56
C LYS A 136 4.79 2.73 -13.37
N LEU A 137 4.89 1.42 -13.18
CA LEU A 137 5.80 0.62 -13.99
C LEU A 137 5.41 0.71 -15.46
N ILE A 138 4.13 0.50 -15.78
CA ILE A 138 3.67 0.48 -17.16
C ILE A 138 3.97 1.84 -17.80
N GLU A 139 3.65 2.92 -17.09
CA GLU A 139 3.81 4.26 -17.62
C GLU A 139 5.27 4.57 -17.91
N LEU A 140 6.15 4.25 -16.96
N LEU A 140 6.16 4.25 -16.96
CA LEU A 140 7.58 4.50 -17.08
CA LEU A 140 7.59 4.51 -17.10
C LEU A 140 8.17 3.68 -18.23
C LEU A 140 8.17 3.68 -18.23
N PHE A 141 7.72 2.42 -18.34
CA PHE A 141 8.19 1.52 -19.37
C PHE A 141 7.77 2.00 -20.76
N GLY A 142 6.50 2.42 -20.88
CA GLY A 142 5.99 3.10 -22.06
C GLY A 142 5.21 2.19 -23.02
N HIS A 143 5.18 0.88 -22.74
CA HIS A 143 4.35 -0.05 -23.49
C HIS A 143 3.44 -0.79 -22.54
N PRO A 144 2.30 -1.37 -23.01
CA PRO A 144 1.53 -2.29 -22.21
C PRO A 144 2.35 -3.50 -21.79
N ILE A 145 1.98 -4.11 -20.67
CA ILE A 145 2.64 -5.32 -20.20
C ILE A 145 1.64 -6.48 -20.29
N ALA A 146 2.07 -7.52 -21.02
CA ALA A 146 1.38 -8.80 -21.07
C ALA A 146 1.80 -9.64 -19.87
N ALA A 147 0.85 -10.04 -19.03
CA ALA A 147 1.17 -10.79 -17.82
C ALA A 147 0.02 -11.71 -17.42
N PRO A 148 0.26 -13.04 -17.34
CA PRO A 148 -0.57 -13.92 -16.53
C PRO A 148 -0.17 -13.86 -15.05
N SER A 149 -0.85 -14.64 -14.22
CA SER A 149 -0.54 -14.74 -12.79
C SER A 149 0.84 -15.33 -12.60
N ALA A 150 1.52 -14.90 -11.51
CA ALA A 150 2.86 -15.37 -11.20
C ALA A 150 2.76 -16.68 -10.44
N ASN A 151 2.83 -17.78 -11.20
CA ASN A 151 2.81 -19.13 -10.65
C ASN A 151 3.15 -20.09 -11.78
N ILE A 152 3.74 -21.24 -11.44
CA ILE A 152 3.82 -22.34 -12.38
C ILE A 152 2.39 -22.70 -12.77
N SER A 153 2.16 -22.97 -14.07
CA SER A 153 0.81 -23.23 -14.54
C SER A 153 0.24 -24.43 -13.77
N GLY A 154 -1.01 -24.31 -13.31
CA GLY A 154 -1.65 -25.36 -12.52
C GLY A 154 -1.64 -25.04 -11.03
N ARG A 155 -0.60 -24.33 -10.56
CA ARG A 155 -0.41 -24.06 -9.15
C ARG A 155 -1.17 -22.81 -8.72
N PRO A 156 -1.40 -22.59 -7.41
CA PRO A 156 -2.07 -21.39 -6.91
C PRO A 156 -1.32 -20.09 -7.20
N SER A 157 -2.09 -19.06 -7.58
CA SER A 157 -1.55 -17.77 -7.97
C SER A 157 -0.85 -17.11 -6.77
N ALA A 158 0.36 -16.58 -7.00
CA ALA A 158 1.14 -15.99 -5.92
C ALA A 158 0.46 -14.71 -5.44
N THR A 159 0.31 -14.61 -4.11
CA THR A 159 -0.24 -13.43 -3.47
C THR A 159 0.82 -12.75 -2.60
N ASN A 160 2.05 -13.27 -2.62
CA ASN A 160 3.17 -12.64 -1.93
C ASN A 160 4.49 -13.15 -2.49
N VAL A 161 5.59 -12.52 -2.08
CA VAL A 161 6.89 -12.78 -2.70
C VAL A 161 7.37 -14.18 -2.34
N LYS A 162 7.02 -14.66 -1.14
CA LYS A 162 7.38 -16.00 -0.70
C LYS A 162 6.91 -17.02 -1.73
N HIS A 163 5.65 -16.92 -2.18
CA HIS A 163 5.11 -17.87 -3.14
C HIS A 163 5.80 -17.74 -4.50
N VAL A 164 6.16 -16.50 -4.88
CA VAL A 164 6.83 -16.25 -6.14
C VAL A 164 8.20 -16.92 -6.14
N ILE A 165 8.93 -16.75 -5.03
CA ILE A 165 10.26 -17.33 -4.86
C ILE A 165 10.16 -18.84 -5.00
N GLU A 166 9.17 -19.47 -4.34
CA GLU A 166 8.93 -20.89 -4.50
C GLU A 166 8.99 -21.27 -5.97
N ASP A 167 8.29 -20.51 -6.83
CA ASP A 167 8.08 -20.92 -8.20
C ASP A 167 9.15 -20.41 -9.15
N PHE A 168 9.88 -19.34 -8.80
CA PHE A 168 10.63 -18.62 -9.82
C PHE A 168 12.02 -18.17 -9.40
N MET A 169 12.46 -18.46 -8.17
CA MET A 169 13.83 -18.09 -7.80
C MET A 169 14.78 -18.77 -8.77
N GLY A 170 15.66 -17.97 -9.39
CA GLY A 170 16.65 -18.49 -10.32
C GLY A 170 16.20 -18.43 -11.78
N LYS A 171 14.91 -18.15 -12.02
CA LYS A 171 14.35 -18.23 -13.35
C LYS A 171 14.04 -16.85 -13.93
N VAL A 172 13.92 -15.84 -13.07
CA VAL A 172 13.71 -14.47 -13.52
C VAL A 172 14.74 -13.57 -12.85
N LYS A 173 15.05 -12.45 -13.49
CA LYS A 173 16.10 -11.56 -13.02
C LYS A 173 15.59 -10.69 -11.87
N LEU A 174 14.29 -10.34 -11.88
CA LEU A 174 13.77 -9.33 -10.96
C LEU A 174 12.34 -9.66 -10.50
N ILE A 175 12.18 -9.67 -9.18
CA ILE A 175 10.88 -9.69 -8.54
C ILE A 175 10.75 -8.39 -7.75
N ILE A 176 9.67 -7.65 -8.01
CA ILE A 176 9.29 -6.49 -7.21
C ILE A 176 8.37 -6.96 -6.09
N ASP A 177 8.74 -6.67 -4.85
CA ASP A 177 7.97 -7.09 -3.70
C ASP A 177 7.25 -5.87 -3.12
N ALA A 178 5.91 -5.90 -3.16
CA ALA A 178 5.11 -4.89 -2.47
C ALA A 178 4.18 -5.55 -1.44
N GLY A 179 4.62 -6.70 -0.89
CA GLY A 179 3.89 -7.36 0.18
C GLY A 179 2.72 -8.20 -0.36
N ASP A 180 1.81 -8.58 0.54
CA ASP A 180 0.65 -9.41 0.20
C ASP A 180 -0.32 -8.59 -0.65
N THR A 181 -0.84 -9.20 -1.73
CA THR A 181 -1.77 -8.50 -2.60
C THR A 181 -3.07 -8.25 -1.85
N PRO A 182 -3.69 -7.06 -2.02
CA PRO A 182 -4.95 -6.72 -1.38
C PRO A 182 -6.07 -7.75 -1.49
N PHE A 183 -6.38 -8.24 -2.70
CA PHE A 183 -7.58 -9.05 -2.86
C PHE A 183 -7.27 -10.54 -2.74
N GLY A 184 -6.09 -10.98 -3.20
CA GLY A 184 -5.73 -12.39 -3.14
C GLY A 184 -6.28 -13.23 -4.30
N LEU A 185 -7.18 -12.64 -5.11
CA LEU A 185 -7.87 -13.36 -6.18
C LEU A 185 -7.78 -12.58 -7.49
N GLU A 186 -7.70 -13.32 -8.59
CA GLU A 186 -7.57 -12.72 -9.91
C GLU A 186 -8.80 -11.90 -10.25
N SER A 187 -8.58 -10.92 -11.12
CA SER A 187 -9.60 -10.00 -11.64
C SER A 187 -10.82 -10.76 -12.17
N THR A 188 -11.99 -10.13 -12.01
CA THR A 188 -13.18 -10.49 -12.75
C THR A 188 -12.90 -10.31 -14.24
N ILE A 189 -13.24 -11.32 -15.05
CA ILE A 189 -13.17 -11.22 -16.51
C ILE A 189 -14.58 -11.13 -17.08
N VAL A 190 -14.86 -10.07 -17.83
CA VAL A 190 -16.14 -9.89 -18.50
C VAL A 190 -15.89 -9.73 -20.00
N ASP A 191 -16.54 -10.57 -20.82
CA ASP A 191 -16.44 -10.51 -22.28
C ASP A 191 -17.50 -9.54 -22.79
N LEU A 192 -17.08 -8.51 -23.54
CA LEU A 192 -18.01 -7.50 -24.04
C LEU A 192 -18.09 -7.51 -25.56
N THR A 193 -17.69 -8.62 -26.21
CA THR A 193 -17.68 -8.69 -27.67
C THR A 193 -19.04 -9.16 -28.20
N LYS A 194 -19.82 -9.87 -27.40
CA LYS A 194 -21.08 -10.46 -27.84
C LYS A 194 -22.22 -9.49 -27.48
N GLU A 195 -23.45 -9.81 -27.90
CA GLU A 195 -24.57 -8.91 -27.71
C GLU A 195 -24.88 -8.77 -26.23
N LYS A 196 -24.93 -9.90 -25.52
CA LYS A 196 -25.06 -9.90 -24.06
C LYS A 196 -23.67 -10.08 -23.45
N PRO A 197 -23.33 -9.33 -22.37
CA PRO A 197 -22.04 -9.51 -21.71
C PRO A 197 -21.92 -10.86 -21.05
N VAL A 198 -20.72 -11.44 -21.10
CA VAL A 198 -20.49 -12.78 -20.56
C VAL A 198 -19.41 -12.72 -19.47
N LEU A 199 -19.72 -13.31 -18.32
CA LEU A 199 -18.78 -13.44 -17.21
C LEU A 199 -17.93 -14.68 -17.44
N LEU A 200 -16.61 -14.50 -17.59
CA LEU A 200 -15.72 -15.61 -17.88
C LEU A 200 -14.98 -16.09 -16.64
N ARG A 201 -14.82 -15.20 -15.66
CA ARG A 201 -14.12 -15.54 -14.43
C ARG A 201 -14.62 -14.62 -13.31
N PRO A 202 -15.15 -15.18 -12.20
CA PRO A 202 -15.57 -14.35 -11.07
C PRO A 202 -14.35 -13.79 -10.34
N GLY A 203 -14.50 -12.60 -9.76
CA GLY A 203 -13.41 -11.93 -9.06
C GLY A 203 -13.91 -10.81 -8.17
N PRO A 204 -13.04 -9.88 -7.71
CA PRO A 204 -13.41 -8.81 -6.80
C PRO A 204 -14.52 -7.88 -7.29
N VAL A 205 -14.71 -7.76 -8.60
CA VAL A 205 -15.93 -7.13 -9.13
C VAL A 205 -16.99 -8.23 -9.14
N GLU A 206 -17.95 -8.10 -8.21
CA GLU A 206 -18.80 -9.22 -7.83
C GLU A 206 -19.94 -9.39 -8.82
N VAL A 207 -20.38 -10.65 -8.95
CA VAL A 207 -21.43 -11.01 -9.89
C VAL A 207 -22.66 -10.15 -9.64
N GLU A 208 -23.05 -10.03 -8.37
CA GLU A 208 -24.25 -9.31 -7.98
C GLU A 208 -24.18 -7.86 -8.48
N ARG A 209 -22.98 -7.28 -8.48
CA ARG A 209 -22.79 -5.91 -8.93
C ARG A 209 -22.94 -5.84 -10.46
N LEU A 210 -22.36 -6.81 -11.16
CA LEU A 210 -22.45 -6.85 -12.62
C LEU A 210 -23.91 -7.09 -13.05
N LYS A 211 -24.63 -7.95 -12.33
CA LYS A 211 -26.04 -8.19 -12.65
C LYS A 211 -26.85 -6.90 -12.50
N GLU A 212 -26.52 -6.04 -11.52
CA GLU A 212 -27.19 -4.76 -11.37
C GLU A 212 -26.96 -3.90 -12.62
N LEU A 213 -25.72 -3.92 -13.15
CA LEU A 213 -25.36 -3.10 -14.28
C LEU A 213 -25.80 -3.73 -15.59
N PHE A 214 -25.75 -5.06 -15.67
CA PHE A 214 -26.06 -5.78 -16.89
C PHE A 214 -27.07 -6.86 -16.52
N PRO A 215 -28.38 -6.52 -16.56
CA PRO A 215 -29.41 -7.49 -16.19
C PRO A 215 -29.34 -8.78 -17.00
N GLU A 216 -28.84 -8.68 -18.26
CA GLU A 216 -28.76 -9.82 -19.17
C GLU A 216 -27.39 -10.51 -19.13
N LEU A 217 -26.61 -10.26 -18.07
CA LEU A 217 -25.30 -10.91 -17.92
C LEU A 217 -25.46 -12.42 -18.05
N VAL A 218 -24.60 -13.08 -18.83
N VAL A 218 -24.57 -13.04 -18.84
CA VAL A 218 -24.66 -14.52 -18.93
CA VAL A 218 -24.53 -14.49 -19.01
C VAL A 218 -23.53 -15.09 -18.09
C VAL A 218 -23.49 -15.07 -18.06
N VAL A 219 -23.86 -16.12 -17.32
CA VAL A 219 -22.93 -16.84 -16.46
C VAL A 219 -22.88 -18.28 -16.96
N PRO A 220 -21.88 -18.64 -17.79
CA PRO A 220 -21.76 -19.99 -18.31
C PRO A 220 -21.63 -21.06 -17.23
N ASP A 221 -21.96 -22.30 -17.60
CA ASP A 221 -21.88 -23.43 -16.69
C ASP A 221 -20.46 -23.62 -16.15
N PHE A 222 -19.43 -23.37 -16.98
CA PHE A 222 -18.07 -23.65 -16.54
C PHE A 222 -17.70 -22.73 -15.37
N VAL A 223 -18.32 -21.55 -15.27
CA VAL A 223 -18.09 -20.65 -14.16
C VAL A 223 -18.67 -21.23 -12.87
N ARG A 224 -19.87 -21.80 -12.94
CA ARG A 224 -20.57 -22.31 -11.76
C ARG A 224 -20.06 -23.69 -11.37
N LYS A 225 -19.39 -24.40 -12.30
CA LYS A 225 -18.94 -25.76 -12.08
C LYS A 225 -17.41 -25.80 -12.07
N GLY A 226 -16.83 -26.98 -12.34
CA GLY A 226 -15.40 -27.19 -12.22
C GLY A 226 -15.08 -28.61 -11.79
N HIS A 241 -6.11 -26.05 -12.30
CA HIS A 241 -5.73 -24.66 -11.93
C HIS A 241 -5.78 -24.47 -10.42
N TYR A 242 -4.87 -23.62 -9.92
CA TYR A 242 -4.82 -23.20 -8.52
C TYR A 242 -4.65 -24.41 -7.59
N ALA A 243 -3.99 -25.47 -8.08
CA ALA A 243 -4.04 -26.79 -7.46
C ALA A 243 -2.81 -27.02 -6.58
N PRO A 244 -2.99 -27.45 -5.31
CA PRO A 244 -1.86 -27.86 -4.47
C PRO A 244 -1.22 -29.17 -4.93
N LEU A 245 -0.11 -29.56 -4.29
CA LEU A 245 0.68 -30.71 -4.69
C LEU A 245 0.08 -32.01 -4.11
N LYS A 246 -0.66 -31.87 -3.00
CA LYS A 246 -1.41 -32.98 -2.41
C LYS A 246 -2.85 -32.92 -2.92
N PRO A 247 -3.56 -34.08 -3.03
CA PRO A 247 -4.96 -34.09 -3.45
C PRO A 247 -5.85 -33.17 -2.61
N LEU A 248 -6.88 -32.60 -3.25
CA LEU A 248 -7.71 -31.59 -2.63
C LEU A 248 -9.17 -32.05 -2.61
N ILE A 249 -9.79 -31.99 -1.43
CA ILE A 249 -11.15 -32.46 -1.24
C ILE A 249 -12.00 -31.29 -0.77
N LEU A 250 -12.93 -30.85 -1.63
CA LEU A 250 -13.78 -29.71 -1.34
C LEU A 250 -15.14 -30.25 -0.87
N VAL A 251 -15.66 -29.67 0.22
CA VAL A 251 -16.84 -30.21 0.90
C VAL A 251 -17.93 -29.15 0.89
N GLU A 252 -18.75 -29.15 -0.17
CA GLU A 252 -19.83 -28.19 -0.31
C GLU A 252 -20.92 -28.45 0.73
N ASP A 253 -21.19 -29.74 1.00
CA ASP A 253 -22.15 -30.14 2.02
C ASP A 253 -21.41 -30.48 3.30
N LEU A 254 -21.51 -29.60 4.31
CA LEU A 254 -20.69 -29.69 5.51
C LEU A 254 -21.24 -30.72 6.49
N THR A 255 -22.43 -31.28 6.21
CA THR A 255 -22.98 -32.35 7.01
C THR A 255 -22.20 -33.64 6.75
N LYS A 256 -21.58 -33.76 5.57
CA LYS A 256 -20.78 -34.92 5.24
C LYS A 256 -19.33 -34.75 5.71
N MET A 257 -19.04 -33.65 6.42
CA MET A 257 -17.68 -33.36 6.86
CA MET A 257 -17.67 -33.36 6.84
C MET A 257 -17.13 -34.54 7.63
N GLU A 258 -17.91 -35.04 8.61
CA GLU A 258 -17.48 -36.14 9.45
C GLU A 258 -17.16 -37.38 8.62
N GLU A 259 -18.02 -37.72 7.64
CA GLU A 259 -17.79 -38.85 6.74
C GLU A 259 -16.43 -38.69 6.07
N VAL A 260 -16.16 -37.47 5.58
CA VAL A 260 -14.99 -37.20 4.76
C VAL A 260 -13.72 -37.31 5.62
N LEU A 261 -13.74 -36.66 6.79
CA LEU A 261 -12.62 -36.70 7.71
C LEU A 261 -12.20 -38.14 7.96
N LYS A 262 -13.20 -39.00 8.18
CA LYS A 262 -12.97 -40.38 8.54
C LYS A 262 -12.66 -41.22 7.30
N LYS A 263 -13.23 -40.86 6.14
CA LYS A 263 -12.87 -41.54 4.90
C LYS A 263 -11.42 -41.23 4.52
N TYR A 264 -10.98 -39.99 4.76
CA TYR A 264 -9.64 -39.55 4.39
C TYR A 264 -8.88 -39.20 5.67
N PRO A 265 -8.26 -40.20 6.34
CA PRO A 265 -7.79 -40.02 7.71
C PRO A 265 -6.56 -39.14 7.86
N ASP A 266 -5.58 -39.31 6.95
CA ASP A 266 -4.34 -38.57 6.99
C ASP A 266 -4.51 -37.25 6.23
N HIS A 267 -4.85 -36.18 6.97
CA HIS A 267 -5.41 -34.99 6.34
C HIS A 267 -5.04 -33.71 7.11
N VAL A 268 -5.10 -32.58 6.39
CA VAL A 268 -5.19 -31.25 6.99
C VAL A 268 -6.45 -30.59 6.46
N VAL A 269 -7.09 -29.78 7.31
CA VAL A 269 -8.33 -29.11 6.96
C VAL A 269 -8.07 -27.61 6.83
N ILE A 270 -8.68 -26.99 5.81
CA ILE A 270 -8.74 -25.54 5.70
C ILE A 270 -10.17 -25.14 6.02
N CYS A 271 -10.35 -24.22 6.98
CA CYS A 271 -11.65 -23.96 7.55
C CYS A 271 -11.75 -22.49 7.93
N VAL A 272 -12.98 -22.03 8.20
CA VAL A 272 -13.17 -20.68 8.71
C VAL A 272 -12.86 -20.68 10.20
N GLU A 273 -12.78 -19.47 10.76
CA GLU A 273 -12.49 -19.29 12.16
C GLU A 273 -13.63 -19.86 13.01
N GLU A 274 -14.87 -19.61 12.57
CA GLU A 274 -16.05 -19.94 13.38
C GLU A 274 -16.27 -21.45 13.44
N ARG A 275 -15.40 -22.25 12.80
CA ARG A 275 -15.47 -23.69 12.91
C ARG A 275 -14.08 -24.27 13.16
N LYS A 276 -13.18 -23.45 13.73
CA LYS A 276 -11.80 -23.86 13.95
C LYS A 276 -11.75 -24.88 15.08
N GLU A 277 -12.57 -24.65 16.12
CA GLU A 277 -12.60 -25.48 17.32
C GLU A 277 -13.12 -26.89 17.00
N LEU A 278 -13.76 -27.05 15.84
CA LEU A 278 -14.40 -28.31 15.45
C LEU A 278 -13.42 -29.25 14.75
N TYR A 279 -12.12 -28.93 14.72
CA TYR A 279 -11.12 -29.81 14.14
C TYR A 279 -9.85 -29.74 14.98
N ASP A 280 -8.86 -30.57 14.64
CA ASP A 280 -7.61 -30.65 15.38
C ASP A 280 -6.45 -30.14 14.53
N ASP A 281 -6.28 -30.74 13.33
CA ASP A 281 -5.27 -30.31 12.37
C ASP A 281 -5.91 -29.44 11.27
N ARG A 282 -5.74 -28.12 11.39
CA ARG A 282 -6.57 -27.15 10.69
C ARG A 282 -5.79 -25.87 10.41
N ILE A 283 -5.93 -25.36 9.17
CA ILE A 283 -5.48 -24.03 8.81
C ILE A 283 -6.70 -23.11 8.76
N VAL A 284 -6.71 -22.05 9.57
CA VAL A 284 -7.79 -21.08 9.53
C VAL A 284 -7.50 -20.08 8.41
N VAL A 285 -8.31 -20.12 7.34
CA VAL A 285 -8.10 -19.28 6.17
C VAL A 285 -8.61 -17.86 6.45
N GLY A 286 -9.67 -17.74 7.25
CA GLY A 286 -10.30 -16.46 7.52
C GLY A 286 -11.65 -16.68 8.20
N SER A 287 -12.43 -15.59 8.35
CA SER A 287 -13.71 -15.63 9.03
C SER A 287 -14.86 -15.28 8.09
N LEU A 288 -16.01 -15.93 8.30
CA LEU A 288 -17.23 -15.63 7.57
C LEU A 288 -17.68 -14.21 7.87
N LYS A 289 -17.34 -13.74 9.08
CA LYS A 289 -17.54 -12.35 9.49
C LYS A 289 -16.95 -11.40 8.44
N ASN A 290 -15.71 -11.66 8.01
CA ASN A 290 -15.03 -10.83 7.02
C ASN A 290 -14.59 -11.71 5.85
N PRO A 291 -15.47 -11.96 4.86
CA PRO A 291 -15.18 -12.91 3.80
C PRO A 291 -14.02 -12.52 2.89
N TYR A 292 -13.72 -11.21 2.80
CA TYR A 292 -12.57 -10.74 2.03
C TYR A 292 -11.28 -11.30 2.62
N SER A 293 -11.26 -11.59 3.93
CA SER A 293 -10.13 -12.24 4.56
C SER A 293 -9.90 -13.63 3.96
N ILE A 294 -10.99 -14.33 3.62
CA ILE A 294 -10.89 -15.69 3.07
C ILE A 294 -10.32 -15.61 1.67
N ALA A 295 -10.84 -14.67 0.87
CA ALA A 295 -10.33 -14.45 -0.48
C ALA A 295 -8.85 -14.10 -0.43
N GLN A 296 -8.49 -13.16 0.45
CA GLN A 296 -7.13 -12.66 0.58
C GLN A 296 -6.15 -13.80 0.85
N ASN A 297 -6.57 -14.83 1.60
CA ASN A 297 -5.65 -15.82 2.13
C ASN A 297 -5.74 -17.21 1.51
N ILE A 298 -6.76 -17.46 0.66
CA ILE A 298 -7.06 -18.83 0.26
C ILE A 298 -5.88 -19.48 -0.46
N PHE A 299 -5.17 -18.75 -1.34
CA PHE A 299 -4.10 -19.36 -2.10
C PHE A 299 -2.89 -19.64 -1.20
N SER A 300 -2.60 -18.73 -0.26
CA SER A 300 -1.57 -18.97 0.75
C SER A 300 -1.89 -20.26 1.50
N ALA A 301 -3.16 -20.41 1.90
CA ALA A 301 -3.60 -21.55 2.68
C ALA A 301 -3.27 -22.86 1.96
N LEU A 302 -3.48 -22.91 0.64
CA LEU A 302 -3.24 -24.12 -0.13
C LEU A 302 -1.76 -24.44 -0.17
N ARG A 303 -0.90 -23.41 -0.21
CA ARG A 303 0.54 -23.60 -0.24
C ARG A 303 1.05 -24.03 1.14
N GLU A 304 0.49 -23.46 2.22
CA GLU A 304 0.80 -23.93 3.57
C GLU A 304 0.43 -25.40 3.70
N ALA A 305 -0.82 -25.73 3.35
CA ALA A 305 -1.40 -27.05 3.53
C ALA A 305 -0.53 -28.14 2.90
N GLU A 306 -0.14 -27.92 1.63
CA GLU A 306 0.56 -28.93 0.87
C GLU A 306 1.91 -29.28 1.50
N LYS A 307 2.36 -28.45 2.46
CA LYS A 307 3.67 -28.64 3.10
C LYS A 307 3.51 -29.18 4.53
N MET A 308 2.29 -29.43 4.99
CA MET A 308 2.07 -29.81 6.38
C MET A 308 2.18 -31.33 6.56
N GLY A 309 2.68 -32.03 5.53
CA GLY A 309 2.99 -33.45 5.64
C GLY A 309 1.72 -34.24 5.95
N LYS A 310 0.68 -34.02 5.15
CA LYS A 310 -0.57 -34.77 5.22
C LYS A 310 -0.90 -35.25 3.81
N GLU A 311 -1.59 -36.39 3.72
CA GLU A 311 -1.87 -37.01 2.44
C GLU A 311 -2.92 -36.21 1.69
N TYR A 312 -3.88 -35.65 2.43
CA TYR A 312 -5.06 -35.02 1.85
C TYR A 312 -5.27 -33.63 2.44
N ILE A 313 -5.63 -32.67 1.57
CA ILE A 313 -6.11 -31.38 2.01
C ILE A 313 -7.62 -31.36 1.84
N ILE A 314 -8.30 -30.93 2.92
CA ILE A 314 -9.75 -30.93 2.98
CA ILE A 314 -9.75 -30.93 2.98
C ILE A 314 -10.22 -29.51 3.25
N VAL A 315 -11.06 -28.98 2.35
CA VAL A 315 -11.47 -27.59 2.43
C VAL A 315 -12.99 -27.50 2.60
N GLU A 316 -13.40 -26.69 3.56
CA GLU A 316 -14.81 -26.36 3.74
C GLU A 316 -15.28 -25.56 2.53
N GLY A 317 -16.58 -25.71 2.21
CA GLY A 317 -17.21 -24.97 1.12
C GLY A 317 -17.78 -23.66 1.65
N PHE A 318 -18.14 -22.77 0.73
CA PHE A 318 -18.66 -21.46 1.09
C PHE A 318 -19.88 -21.15 0.23
N GLU A 319 -20.73 -20.24 0.71
CA GLU A 319 -21.77 -19.63 -0.09
C GLU A 319 -21.21 -19.25 -1.47
N GLU A 320 -21.99 -19.52 -2.52
CA GLU A 320 -21.75 -18.97 -3.84
C GLU A 320 -22.32 -17.56 -3.90
N ARG A 321 -21.81 -16.65 -3.07
CA ARG A 321 -22.29 -15.28 -3.06
C ARG A 321 -21.14 -14.32 -2.79
N GLY A 322 -21.32 -13.06 -3.22
CA GLY A 322 -20.26 -12.06 -3.18
C GLY A 322 -18.91 -12.65 -3.56
N ILE A 323 -17.88 -12.31 -2.77
CA ILE A 323 -16.50 -12.64 -3.12
C ILE A 323 -16.29 -14.15 -2.96
N LEU A 324 -17.06 -14.78 -2.07
CA LEU A 324 -16.92 -16.23 -1.87
C LEU A 324 -17.32 -17.01 -3.12
N PHE A 325 -18.15 -16.41 -3.99
CA PHE A 325 -18.43 -17.01 -5.29
C PHE A 325 -17.12 -17.23 -6.03
N ALA A 326 -16.28 -16.20 -6.09
CA ALA A 326 -14.99 -16.30 -6.76
C ALA A 326 -14.12 -17.35 -6.06
N VAL A 327 -14.13 -17.37 -4.73
CA VAL A 327 -13.33 -18.33 -3.98
C VAL A 327 -13.74 -19.75 -4.39
N MET A 328 -15.05 -20.00 -4.42
CA MET A 328 -15.57 -21.32 -4.75
C MET A 328 -15.23 -21.69 -6.19
N ASN A 329 -15.31 -20.73 -7.11
CA ASN A 329 -14.88 -20.96 -8.50
C ASN A 329 -13.46 -21.51 -8.48
N ARG A 330 -12.58 -20.88 -7.69
CA ARG A 330 -11.17 -21.27 -7.68
C ARG A 330 -11.01 -22.67 -7.09
N LEU A 331 -11.69 -22.93 -5.97
CA LEU A 331 -11.53 -24.19 -5.27
C LEU A 331 -12.08 -25.34 -6.13
N ARG A 332 -13.24 -25.13 -6.78
CA ARG A 332 -13.82 -26.14 -7.65
C ARG A 332 -12.86 -26.52 -8.76
N LYS A 333 -12.11 -25.55 -9.29
CA LYS A 333 -11.19 -25.81 -10.39
C LYS A 333 -9.93 -26.48 -9.86
N ALA A 334 -9.69 -26.41 -8.55
CA ALA A 334 -8.50 -27.01 -7.96
C ALA A 334 -8.76 -28.42 -7.43
N ALA A 335 -10.00 -28.70 -6.99
CA ALA A 335 -10.33 -29.91 -6.25
C ALA A 335 -10.10 -31.17 -7.09
N THR A 336 -9.61 -32.24 -6.44
CA THR A 336 -9.51 -33.56 -7.06
C THR A 336 -10.81 -34.33 -6.81
N GLU A 337 -11.53 -34.00 -5.72
CA GLU A 337 -12.88 -34.51 -5.49
C GLU A 337 -13.75 -33.42 -4.88
N ILE A 338 -14.99 -33.31 -5.35
CA ILE A 338 -15.99 -32.44 -4.76
C ILE A 338 -17.07 -33.31 -4.10
N VAL A 339 -17.58 -32.82 -2.96
CA VAL A 339 -18.51 -33.57 -2.13
C VAL A 339 -19.73 -32.68 -1.89
N ARG A 340 -20.81 -32.93 -2.65
CA ARG A 340 -21.96 -32.04 -2.69
C ARG A 340 -23.10 -32.61 -1.82
N MET B 4 -7.02 2.88 31.55
CA MET B 4 -6.57 2.06 30.38
C MET B 4 -7.67 2.05 29.31
N ALA B 5 -7.25 2.02 28.04
CA ALA B 5 -8.14 2.21 26.92
C ALA B 5 -8.49 0.88 26.24
N SER B 6 -7.91 -0.23 26.71
CA SER B 6 -8.05 -1.51 26.06
C SER B 6 -7.77 -1.37 24.56
N THR B 7 -6.50 -1.10 24.22
CA THR B 7 -6.12 -0.75 22.86
C THR B 7 -6.37 -1.91 21.92
N ARG B 8 -7.02 -1.62 20.78
CA ARG B 8 -7.09 -2.55 19.68
C ARG B 8 -6.19 -2.06 18.55
N VAL B 9 -5.58 -3.02 17.83
CA VAL B 9 -4.78 -2.76 16.65
C VAL B 9 -5.39 -3.56 15.51
N LEU B 10 -5.97 -2.87 14.52
CA LEU B 10 -6.58 -3.51 13.36
C LEU B 10 -5.73 -3.26 12.13
N LYS B 11 -5.21 -4.34 11.54
CA LYS B 11 -4.41 -4.26 10.32
C LYS B 11 -5.33 -4.11 9.12
N VAL B 12 -4.96 -3.24 8.17
CA VAL B 12 -5.70 -3.03 6.93
C VAL B 12 -4.72 -2.92 5.77
N ASP B 13 -5.19 -3.33 4.59
CA ASP B 13 -4.43 -3.14 3.37
C ASP B 13 -4.34 -1.63 3.09
N PRO B 14 -3.17 -1.09 2.67
CA PRO B 14 -3.06 0.32 2.38
C PRO B 14 -3.82 0.81 1.14
N LEU B 15 -4.04 -0.08 0.15
CA LEU B 15 -4.67 0.29 -1.12
C LEU B 15 -6.19 0.13 -1.05
N PHE B 16 -6.62 -1.02 -0.50
CA PHE B 16 -8.03 -1.40 -0.42
C PHE B 16 -8.35 -1.82 1.01
N PRO B 17 -8.42 -0.87 1.96
CA PRO B 17 -8.70 -1.21 3.35
C PRO B 17 -10.13 -1.67 3.58
N ASP B 18 -10.26 -2.72 4.38
CA ASP B 18 -11.54 -3.19 4.89
C ASP B 18 -12.35 -2.03 5.48
N GLU B 19 -13.52 -1.76 4.90
CA GLU B 19 -14.33 -0.63 5.32
C GLU B 19 -14.97 -0.87 6.69
N LYS B 20 -15.12 -2.14 7.08
CA LYS B 20 -15.60 -2.46 8.42
C LYS B 20 -14.68 -1.84 9.48
N VAL B 21 -13.36 -1.93 9.27
CA VAL B 21 -12.39 -1.38 10.20
C VAL B 21 -12.53 0.14 10.26
N LEU B 22 -12.62 0.78 9.08
CA LEU B 22 -12.75 2.22 9.00
C LEU B 22 -14.06 2.70 9.63
N LYS B 23 -15.15 1.94 9.47
CA LYS B 23 -16.40 2.30 10.12
C LYS B 23 -16.23 2.26 11.64
N GLU B 24 -15.55 1.23 12.13
CA GLU B 24 -15.25 1.09 13.55
C GLU B 24 -14.48 2.32 14.04
N ALA B 25 -13.47 2.76 13.27
CA ALA B 25 -12.71 3.96 13.61
C ALA B 25 -13.61 5.20 13.61
N ALA B 26 -14.50 5.31 12.62
CA ALA B 26 -15.36 6.47 12.51
C ALA B 26 -16.30 6.55 13.71
N GLU B 27 -16.83 5.39 14.14
CA GLU B 27 -17.68 5.31 15.31
C GLU B 27 -16.96 5.89 16.54
N LEU B 28 -15.69 5.50 16.74
N LEU B 28 -15.69 5.51 16.73
CA LEU B 28 -14.91 6.00 17.86
CA LEU B 28 -14.92 5.99 17.86
C LEU B 28 -14.73 7.52 17.75
C LEU B 28 -14.73 7.51 17.76
N LEU B 29 -14.42 8.00 16.55
CA LEU B 29 -14.28 9.44 16.33
C LEU B 29 -15.60 10.15 16.67
N ARG B 30 -16.73 9.59 16.21
CA ARG B 30 -18.03 10.15 16.51
C ARG B 30 -18.28 10.22 18.01
N ASN B 31 -17.78 9.20 18.74
N ASN B 31 -17.80 9.22 18.77
CA ASN B 31 -17.91 9.13 20.19
CA ASN B 31 -17.98 9.22 20.22
C ASN B 31 -16.92 10.06 20.90
C ASN B 31 -16.93 10.07 20.91
N GLY B 32 -16.17 10.87 20.15
CA GLY B 32 -15.26 11.85 20.73
C GLY B 32 -13.97 11.22 21.27
N GLU B 33 -13.61 10.05 20.73
CA GLU B 33 -12.36 9.36 21.09
C GLU B 33 -11.23 9.75 20.12
N VAL B 34 -10.01 9.41 20.54
CA VAL B 34 -8.81 9.63 19.77
C VAL B 34 -8.38 8.30 19.18
N ILE B 35 -8.01 8.29 17.90
CA ILE B 35 -7.52 7.09 17.24
C ILE B 35 -6.23 7.42 16.49
N ILE B 36 -5.46 6.37 16.17
CA ILE B 36 -4.23 6.52 15.42
C ILE B 36 -4.40 5.86 14.06
N PHE B 37 -3.93 6.56 13.02
CA PHE B 37 -4.18 6.16 11.65
C PHE B 37 -2.95 6.48 10.80
N PRO B 38 -2.72 5.68 9.74
CA PRO B 38 -1.60 5.91 8.84
C PRO B 38 -1.86 7.07 7.88
N THR B 39 -0.79 7.70 7.41
CA THR B 39 -0.78 8.54 6.22
C THR B 39 0.47 8.19 5.42
N GLU B 40 0.68 8.85 4.29
CA GLU B 40 1.84 8.63 3.46
C GLU B 40 3.12 9.24 4.08
N THR B 41 2.97 10.16 5.06
CA THR B 41 4.11 10.79 5.71
C THR B 41 4.48 10.01 6.99
N VAL B 42 3.73 10.28 8.06
CA VAL B 42 3.86 9.56 9.33
C VAL B 42 2.47 9.21 9.84
N TYR B 43 2.42 8.34 10.86
CA TYR B 43 1.16 8.02 11.54
C TYR B 43 0.66 9.30 12.21
N GLY B 44 -0.66 9.46 12.24
CA GLY B 44 -1.30 10.59 12.90
C GLY B 44 -2.13 10.12 14.08
N ILE B 45 -2.29 11.01 15.06
CA ILE B 45 -3.16 10.75 16.20
C ILE B 45 -4.25 11.82 16.16
N GLY B 46 -5.48 11.37 15.90
CA GLY B 46 -6.50 12.27 15.41
C GLY B 46 -7.82 12.14 16.19
N ALA B 47 -8.57 13.25 16.13
CA ALA B 47 -9.90 13.36 16.72
C ALA B 47 -10.77 14.21 15.80
N ASP B 48 -12.08 14.17 16.05
CA ASP B 48 -13.05 14.99 15.33
C ASP B 48 -12.59 16.45 15.40
N ALA B 49 -12.34 17.05 14.23
CA ALA B 49 -11.81 18.41 14.18
C ALA B 49 -12.80 19.43 14.74
N TYR B 50 -14.09 19.08 14.75
CA TYR B 50 -15.12 19.99 15.25
C TYR B 50 -15.45 19.73 16.72
N ASN B 51 -14.76 18.78 17.37
CA ASN B 51 -15.05 18.42 18.76
C ASN B 51 -13.90 18.87 19.64
N GLU B 52 -14.15 19.94 20.40
CA GLU B 52 -13.17 20.59 21.23
C GLU B 52 -12.61 19.65 22.31
N GLU B 53 -13.50 18.88 22.96
CA GLU B 53 -13.09 18.04 24.07
C GLU B 53 -12.25 16.88 23.56
N ALA B 54 -12.62 16.34 22.39
CA ALA B 54 -11.87 15.23 21.80
C ALA B 54 -10.44 15.69 21.49
N CYS B 55 -10.33 16.89 20.92
CA CYS B 55 -9.05 17.42 20.48
C CYS B 55 -8.15 17.77 21.67
N LYS B 56 -8.75 18.18 22.79
CA LYS B 56 -7.98 18.40 24.01
C LYS B 56 -7.28 17.10 24.42
N LYS B 57 -7.95 15.96 24.24
CA LYS B 57 -7.39 14.68 24.64
C LYS B 57 -6.08 14.39 23.90
N ILE B 58 -5.96 14.88 22.65
CA ILE B 58 -4.76 14.69 21.86
C ILE B 58 -3.57 15.33 22.56
N PHE B 59 -3.76 16.57 23.06
CA PHE B 59 -2.70 17.28 23.75
C PHE B 59 -2.27 16.49 25.00
N LYS B 60 -3.25 15.99 25.76
CA LYS B 60 -2.96 15.24 26.98
C LYS B 60 -2.19 13.97 26.65
N LEU B 61 -2.64 13.23 25.63
CA LEU B 61 -2.03 11.95 25.29
C LEU B 61 -0.58 12.12 24.83
N LYS B 62 -0.29 13.24 24.16
CA LYS B 62 1.04 13.48 23.62
C LYS B 62 1.91 14.23 24.63
N GLU B 63 1.27 14.82 25.65
CA GLU B 63 1.96 15.74 26.55
C GLU B 63 2.45 16.92 25.73
N ARG B 64 1.57 17.43 24.87
CA ARG B 64 1.89 18.48 23.93
C ARG B 64 1.48 19.82 24.54
N PRO B 65 2.32 20.88 24.42
CA PRO B 65 1.90 22.21 24.80
C PRO B 65 0.70 22.71 23.98
N ALA B 66 -0.20 23.43 24.65
CA ALA B 66 -1.45 23.88 24.04
C ALA B 66 -1.22 24.86 22.90
N ASP B 67 -0.05 25.54 22.89
CA ASP B 67 0.22 26.59 21.92
C ASP B 67 0.76 26.01 20.60
N ASN B 68 0.79 24.68 20.48
CA ASN B 68 1.28 24.02 19.28
C ASN B 68 0.09 23.47 18.48
N PRO B 69 -0.37 24.18 17.42
CA PRO B 69 -1.61 23.83 16.75
C PRO B 69 -1.55 22.53 15.95
N LEU B 70 -2.73 21.97 15.66
N LEU B 70 -2.73 21.97 15.65
CA LEU B 70 -2.92 20.71 14.96
CA LEU B 70 -2.85 20.69 14.96
C LEU B 70 -3.13 20.95 13.47
C LEU B 70 -3.15 20.94 13.48
N ILE B 71 -2.89 19.91 12.65
CA ILE B 71 -3.19 19.95 11.23
C ILE B 71 -4.58 19.32 11.00
N VAL B 72 -5.44 20.03 10.27
CA VAL B 72 -6.77 19.56 9.94
C VAL B 72 -6.71 18.77 8.64
N HIS B 73 -7.07 17.48 8.69
CA HIS B 73 -6.98 16.61 7.53
C HIS B 73 -8.34 16.53 6.85
N ILE B 74 -8.35 16.72 5.52
CA ILE B 74 -9.58 16.75 4.71
C ILE B 74 -9.44 15.74 3.58
N HIS B 75 -10.58 15.34 3.01
CA HIS B 75 -10.59 14.42 1.88
C HIS B 75 -11.08 15.08 0.59
N SER B 76 -11.60 16.31 0.66
CA SER B 76 -12.12 16.92 -0.55
C SER B 76 -11.97 18.44 -0.53
N PHE B 77 -11.86 19.01 -1.74
CA PHE B 77 -11.76 20.46 -1.91
C PHE B 77 -13.01 21.16 -1.40
N LYS B 78 -14.16 20.48 -1.43
CA LYS B 78 -15.37 21.05 -0.88
C LYS B 78 -15.16 21.37 0.60
N GLN B 79 -14.44 20.51 1.33
CA GLN B 79 -14.22 20.72 2.76
C GLN B 79 -13.35 21.94 3.02
N LEU B 80 -12.48 22.26 2.05
CA LEU B 80 -11.62 23.43 2.14
C LEU B 80 -12.49 24.68 2.33
N GLU B 81 -13.66 24.70 1.69
CA GLU B 81 -14.58 25.84 1.71
C GLU B 81 -15.16 26.06 3.10
N GLU B 82 -15.44 24.97 3.84
CA GLU B 82 -15.99 25.06 5.17
C GLU B 82 -14.99 25.70 6.14
N ILE B 83 -13.68 25.43 5.97
CA ILE B 83 -12.72 25.69 7.03
C ILE B 83 -11.80 26.89 6.73
N ALA B 84 -11.52 27.14 5.46
CA ALA B 84 -10.53 28.15 5.07
C ALA B 84 -11.17 29.27 4.26
N GLU B 85 -10.59 30.47 4.34
CA GLU B 85 -10.91 31.54 3.41
C GLU B 85 -9.62 32.12 2.84
N GLY B 86 -9.67 32.50 1.55
CA GLY B 86 -8.57 33.13 0.86
C GLY B 86 -7.80 32.16 -0.03
N TYR B 87 -8.32 30.94 -0.16
CA TYR B 87 -7.58 29.85 -0.79
C TYR B 87 -7.74 29.89 -2.31
N GLU B 88 -8.73 30.65 -2.80
CA GLU B 88 -9.23 30.52 -4.16
C GLU B 88 -8.11 30.80 -5.17
N PRO B 89 -7.27 31.84 -4.99
CA PRO B 89 -6.15 32.04 -5.90
C PRO B 89 -5.14 30.90 -5.92
N HIS B 90 -5.25 29.95 -4.98
CA HIS B 90 -4.24 28.93 -4.81
C HIS B 90 -4.74 27.54 -5.21
N LEU B 91 -6.00 27.44 -5.68
CA LEU B 91 -6.61 26.15 -6.00
C LEU B 91 -5.81 25.42 -7.08
N ASP B 92 -5.31 26.14 -8.08
CA ASP B 92 -4.55 25.51 -9.16
CA ASP B 92 -4.55 25.52 -9.16
C ASP B 92 -3.33 24.81 -8.57
N PHE B 93 -2.65 25.49 -7.65
CA PHE B 93 -1.47 24.96 -6.97
C PHE B 93 -1.89 23.75 -6.12
N LEU B 94 -2.87 23.95 -5.24
CA LEU B 94 -3.35 22.87 -4.40
C LEU B 94 -3.68 21.64 -5.24
N LYS B 95 -4.34 21.84 -6.39
CA LYS B 95 -4.82 20.72 -7.20
C LYS B 95 -3.65 19.95 -7.80
N LYS B 96 -2.47 20.57 -7.83
CA LYS B 96 -1.26 19.94 -8.35
C LYS B 96 -0.59 19.05 -7.29
N PHE B 97 -0.83 19.33 -6.00
CA PHE B 97 -0.10 18.67 -4.92
C PHE B 97 -1.03 17.85 -4.03
N TRP B 98 -2.35 18.11 -4.08
CA TRP B 98 -3.30 17.34 -3.30
C TRP B 98 -4.10 16.34 -4.14
N PRO B 99 -4.42 15.14 -3.61
CA PRO B 99 -3.89 14.69 -2.32
C PRO B 99 -2.38 14.46 -2.32
N GLY B 100 -1.71 14.78 -1.21
CA GLY B 100 -0.28 14.53 -1.16
C GLY B 100 0.39 15.14 0.06
N PRO B 101 1.72 14.89 0.22
CA PRO B 101 2.46 15.26 1.43
C PRO B 101 2.74 16.75 1.59
N LEU B 102 1.66 17.54 1.60
CA LEU B 102 1.75 18.98 1.67
C LEU B 102 0.71 19.48 2.66
N THR B 103 1.14 20.37 3.55
CA THR B 103 0.26 21.08 4.45
C THR B 103 0.39 22.57 4.13
N VAL B 104 -0.74 23.28 4.12
CA VAL B 104 -0.76 24.68 3.76
C VAL B 104 -1.50 25.43 4.87
N ILE B 105 -1.01 26.63 5.19
CA ILE B 105 -1.66 27.50 6.16
C ILE B 105 -2.56 28.49 5.42
N PHE B 106 -3.83 28.57 5.84
CA PHE B 106 -4.77 29.56 5.35
C PHE B 106 -5.39 30.30 6.53
N ARG B 107 -6.04 31.43 6.24
CA ARG B 107 -6.86 32.09 7.24
C ARG B 107 -8.02 31.16 7.60
N LYS B 108 -8.32 31.10 8.91
CA LYS B 108 -9.42 30.30 9.40
C LYS B 108 -10.73 31.05 9.15
N LYS B 109 -11.62 30.46 8.34
CA LYS B 109 -13.00 30.90 8.25
C LYS B 109 -13.79 30.25 9.38
N SER B 110 -13.49 28.97 9.61
CA SER B 110 -14.33 28.08 10.39
C SER B 110 -14.68 28.70 11.74
N GLU B 111 -15.98 28.70 12.02
CA GLU B 111 -16.50 28.79 13.37
C GLU B 111 -16.56 27.37 13.93
N LYS B 112 -16.64 26.37 13.04
CA LYS B 112 -16.79 24.97 13.41
C LYS B 112 -15.48 24.41 13.99
N ILE B 113 -14.32 24.87 13.52
CA ILE B 113 -13.04 24.42 14.07
C ILE B 113 -12.73 25.24 15.32
N PRO B 114 -12.80 24.64 16.53
CA PRO B 114 -12.60 25.38 17.77
C PRO B 114 -11.17 25.89 17.94
N PRO B 115 -10.95 26.90 18.81
CA PRO B 115 -9.64 27.47 19.06
C PRO B 115 -8.55 26.49 19.48
N VAL B 116 -8.93 25.40 20.18
CA VAL B 116 -7.95 24.46 20.69
C VAL B 116 -7.16 23.86 19.53
N VAL B 117 -7.85 23.58 18.40
CA VAL B 117 -7.23 22.94 17.24
C VAL B 117 -6.18 23.86 16.64
N THR B 118 -6.44 25.18 16.58
CA THR B 118 -5.54 26.09 15.92
C THR B 118 -4.74 26.91 16.95
N ALA B 119 -4.79 26.49 18.22
CA ALA B 119 -4.04 27.14 19.29
C ALA B 119 -4.37 28.64 19.35
N ASP B 120 -5.66 28.96 19.19
CA ASP B 120 -6.18 30.32 19.29
C ASP B 120 -5.71 31.19 18.12
N LEU B 121 -5.01 30.63 17.14
CA LEU B 121 -4.54 31.40 16.00
C LEU B 121 -5.72 31.69 15.07
N PRO B 122 -5.64 32.77 14.26
CA PRO B 122 -6.61 33.03 13.21
C PRO B 122 -6.31 32.30 11.89
N THR B 123 -5.31 31.42 11.91
CA THR B 123 -4.98 30.62 10.74
C THR B 123 -5.25 29.15 11.06
N VAL B 124 -5.32 28.34 10.01
CA VAL B 124 -5.51 26.90 10.14
C VAL B 124 -4.59 26.20 9.14
N ALA B 125 -3.97 25.12 9.60
CA ALA B 125 -3.17 24.26 8.74
C ALA B 125 -4.05 23.15 8.17
N VAL B 126 -4.01 22.98 6.84
CA VAL B 126 -4.87 22.04 6.14
C VAL B 126 -4.00 21.09 5.33
N ARG B 127 -4.40 19.81 5.28
CA ARG B 127 -3.71 18.81 4.51
C ARG B 127 -4.68 17.77 3.96
N MET B 128 -4.49 17.41 2.69
CA MET B 128 -5.28 16.37 2.06
C MET B 128 -4.33 15.21 1.81
N PRO B 129 -4.31 14.20 2.70
CA PRO B 129 -3.30 13.15 2.63
C PRO B 129 -3.51 12.19 1.48
N ALA B 130 -2.41 11.81 0.82
CA ALA B 130 -2.45 10.79 -0.21
C ALA B 130 -2.20 9.41 0.38
N HIS B 131 -3.17 8.97 1.18
CA HIS B 131 -3.20 7.60 1.69
C HIS B 131 -4.67 7.16 1.62
N PRO B 132 -5.02 6.10 0.86
CA PRO B 132 -6.40 5.64 0.79
C PRO B 132 -7.05 5.39 2.14
N VAL B 133 -6.30 4.88 3.12
CA VAL B 133 -6.84 4.62 4.46
C VAL B 133 -7.32 5.94 5.08
N ALA B 134 -6.46 6.98 5.05
CA ALA B 134 -6.80 8.25 5.67
C ALA B 134 -7.98 8.91 4.94
N LEU B 135 -7.97 8.82 3.61
CA LEU B 135 -8.98 9.51 2.80
C LEU B 135 -10.35 8.86 3.00
N LYS B 136 -10.38 7.53 2.91
CA LYS B 136 -11.62 6.77 3.10
C LYS B 136 -12.13 6.99 4.52
N LEU B 137 -11.23 7.02 5.51
CA LEU B 137 -11.64 7.22 6.90
C LEU B 137 -12.29 8.59 7.06
N ILE B 138 -11.67 9.65 6.52
CA ILE B 138 -12.21 10.98 6.66
C ILE B 138 -13.60 11.04 5.98
N GLU B 139 -13.70 10.44 4.79
CA GLU B 139 -14.96 10.40 4.06
C GLU B 139 -16.04 9.72 4.91
N LEU B 140 -15.77 8.49 5.33
CA LEU B 140 -16.70 7.67 6.09
C LEU B 140 -17.13 8.39 7.37
N PHE B 141 -16.19 9.08 8.00
CA PHE B 141 -16.46 9.73 9.27
C PHE B 141 -17.32 10.97 9.05
N GLY B 142 -17.00 11.71 7.98
CA GLY B 142 -17.85 12.81 7.51
C GLY B 142 -17.49 14.16 8.11
N HIS B 143 -16.45 14.19 8.97
CA HIS B 143 -15.85 15.44 9.41
C HIS B 143 -14.36 15.40 9.10
N PRO B 144 -13.68 16.57 9.03
CA PRO B 144 -12.23 16.58 9.05
C PRO B 144 -11.66 16.03 10.35
N ILE B 145 -10.41 15.58 10.30
CA ILE B 145 -9.74 15.00 11.45
C ILE B 145 -8.54 15.89 11.78
N ALA B 146 -8.55 16.46 12.99
CA ALA B 146 -7.40 17.19 13.50
C ALA B 146 -6.40 16.18 14.06
N ALA B 147 -5.14 16.29 13.66
CA ALA B 147 -4.14 15.30 14.07
C ALA B 147 -2.72 15.81 13.88
N PRO B 148 -1.87 15.79 14.94
CA PRO B 148 -0.44 15.85 14.76
C PRO B 148 0.14 14.47 14.50
N SER B 149 1.47 14.39 14.41
CA SER B 149 2.18 13.13 14.32
C SER B 149 1.87 12.26 15.55
N ALA B 150 1.82 10.94 15.32
CA ALA B 150 1.61 9.99 16.39
C ALA B 150 2.93 9.73 17.12
N ASN B 151 3.15 10.48 18.20
CA ASN B 151 4.27 10.24 19.09
C ASN B 151 4.06 11.05 20.36
N ILE B 152 4.64 10.59 21.48
CA ILE B 152 4.84 11.45 22.63
C ILE B 152 5.63 12.66 22.16
N SER B 153 5.26 13.85 22.62
CA SER B 153 5.90 15.07 22.16
C SER B 153 7.39 14.98 22.43
N GLY B 154 8.21 15.38 21.45
CA GLY B 154 9.65 15.38 21.58
C GLY B 154 10.30 14.10 21.06
N ARG B 155 9.51 13.01 20.93
CA ARG B 155 10.02 11.75 20.42
C ARG B 155 9.89 11.71 18.90
N PRO B 156 10.62 10.82 18.20
CA PRO B 156 10.48 10.68 16.76
C PRO B 156 9.07 10.28 16.33
N SER B 157 8.57 10.92 15.27
CA SER B 157 7.27 10.62 14.69
C SER B 157 7.21 9.16 14.30
N ALA B 158 6.11 8.48 14.66
CA ALA B 158 5.97 7.06 14.38
C ALA B 158 5.77 6.86 12.89
N THR B 159 6.53 5.92 12.32
CA THR B 159 6.41 5.53 10.91
C THR B 159 6.00 4.07 10.79
N ASN B 160 5.79 3.39 11.93
CA ASN B 160 5.20 2.05 11.91
C ASN B 160 4.52 1.80 13.25
N VAL B 161 3.75 0.71 13.34
CA VAL B 161 2.88 0.45 14.47
CA VAL B 161 2.88 0.48 14.48
C VAL B 161 3.69 0.01 15.69
N LYS B 162 4.88 -0.55 15.45
CA LYS B 162 5.77 -0.84 16.57
C LYS B 162 6.05 0.43 17.37
N HIS B 163 6.33 1.54 16.66
CA HIS B 163 6.63 2.81 17.31
C HIS B 163 5.38 3.38 17.97
N VAL B 164 4.22 3.21 17.32
CA VAL B 164 2.98 3.68 17.90
C VAL B 164 2.73 2.95 19.21
N ILE B 165 2.94 1.62 19.18
CA ILE B 165 2.71 0.80 20.36
C ILE B 165 3.62 1.24 21.51
N GLU B 166 4.90 1.53 21.22
CA GLU B 166 5.82 2.02 22.23
C GLU B 166 5.24 3.22 22.96
N ASP B 167 4.59 4.12 22.22
CA ASP B 167 4.16 5.40 22.78
C ASP B 167 2.75 5.35 23.33
N PHE B 168 1.87 4.45 22.85
CA PHE B 168 0.45 4.64 23.10
C PHE B 168 -0.29 3.38 23.53
N MET B 169 0.38 2.24 23.65
CA MET B 169 -0.31 1.05 24.11
C MET B 169 -0.94 1.35 25.46
N GLY B 170 -2.23 1.01 25.59
CA GLY B 170 -2.97 1.23 26.82
C GLY B 170 -3.56 2.63 26.90
N LYS B 171 -3.26 3.49 25.93
CA LYS B 171 -3.62 4.90 26.02
C LYS B 171 -4.70 5.30 25.01
N VAL B 172 -4.73 4.65 23.84
N VAL B 172 -4.72 4.64 23.85
CA VAL B 172 -5.73 4.97 22.83
CA VAL B 172 -5.63 4.93 22.76
C VAL B 172 -6.49 3.70 22.50
C VAL B 172 -6.48 3.69 22.47
N LYS B 173 -7.77 3.89 22.14
CA LYS B 173 -8.68 2.77 21.97
C LYS B 173 -8.38 2.01 20.67
N LEU B 174 -7.84 2.70 19.66
CA LEU B 174 -7.71 2.08 18.35
C LEU B 174 -6.51 2.61 17.58
N ILE B 175 -5.75 1.67 17.02
CA ILE B 175 -4.65 1.92 16.11
C ILE B 175 -4.93 1.17 14.82
N ILE B 176 -5.00 1.90 13.70
CA ILE B 176 -5.10 1.27 12.39
C ILE B 176 -3.69 1.06 11.85
N ASP B 177 -3.35 -0.20 11.58
CA ASP B 177 -2.03 -0.59 11.11
C ASP B 177 -2.06 -0.82 9.61
N ALA B 178 -1.33 0.02 8.84
CA ALA B 178 -1.23 -0.17 7.40
C ALA B 178 0.23 -0.29 6.97
N GLY B 179 1.09 -0.68 7.91
CA GLY B 179 2.49 -0.96 7.62
C GLY B 179 3.34 0.30 7.78
N ASP B 180 4.56 0.24 7.25
CA ASP B 180 5.50 1.36 7.28
C ASP B 180 4.98 2.49 6.38
N THR B 181 5.04 3.73 6.87
CA THR B 181 4.57 4.84 6.06
C THR B 181 5.54 5.04 4.90
N PRO B 182 5.01 5.33 3.69
CA PRO B 182 5.80 5.58 2.48
C PRO B 182 7.00 6.51 2.65
N PHE B 183 6.78 7.75 3.09
CA PHE B 183 7.84 8.75 3.03
C PHE B 183 8.71 8.76 4.30
N GLY B 184 8.10 8.50 5.47
CA GLY B 184 8.83 8.43 6.71
C GLY B 184 9.02 9.79 7.37
N LEU B 185 8.63 10.88 6.67
CA LEU B 185 8.83 12.24 7.16
C LEU B 185 7.55 13.03 7.00
N GLU B 186 7.36 14.02 7.88
CA GLU B 186 6.14 14.81 7.90
C GLU B 186 6.06 15.71 6.67
N SER B 187 4.81 16.04 6.31
CA SER B 187 4.50 16.87 5.15
C SER B 187 5.32 18.17 5.13
N THR B 188 5.65 18.63 3.92
CA THR B 188 6.07 20.02 3.74
C THR B 188 4.94 20.95 4.21
N ILE B 189 5.30 22.01 4.96
CA ILE B 189 4.35 23.03 5.36
C ILE B 189 4.72 24.33 4.66
N VAL B 190 3.73 24.93 3.97
CA VAL B 190 3.87 26.22 3.32
C VAL B 190 2.79 27.16 3.85
N ASP B 191 3.21 28.33 4.32
CA ASP B 191 2.28 29.36 4.78
C ASP B 191 1.92 30.25 3.58
N LEU B 192 0.62 30.37 3.28
CA LEU B 192 0.18 31.15 2.14
C LEU B 192 -0.66 32.35 2.59
N THR B 193 -0.55 32.74 3.87
CA THR B 193 -1.34 33.84 4.39
C THR B 193 -0.60 35.17 4.24
N LYS B 194 0.71 35.14 4.00
CA LYS B 194 1.52 36.35 3.96
C LYS B 194 1.74 36.76 2.50
N GLU B 195 2.27 37.98 2.33
CA GLU B 195 2.60 38.56 1.04
C GLU B 195 3.40 37.57 0.19
N LYS B 196 4.53 37.07 0.74
CA LYS B 196 5.31 36.06 0.08
C LYS B 196 5.07 34.71 0.77
N PRO B 197 5.07 33.58 0.04
CA PRO B 197 4.93 32.28 0.69
C PRO B 197 6.14 31.90 1.55
N VAL B 198 5.87 31.27 2.71
CA VAL B 198 6.91 30.95 3.69
C VAL B 198 6.96 29.43 3.86
N LEU B 199 8.15 28.85 3.68
CA LEU B 199 8.40 27.45 4.02
C LEU B 199 8.56 27.34 5.53
N LEU B 200 7.61 26.66 6.19
CA LEU B 200 7.65 26.52 7.64
C LEU B 200 8.30 25.19 8.05
N ARG B 201 8.27 24.20 7.15
CA ARG B 201 8.87 22.91 7.45
C ARG B 201 9.13 22.17 6.13
N PRO B 202 10.36 21.70 5.90
CA PRO B 202 10.63 20.92 4.70
C PRO B 202 10.12 19.50 4.84
N GLY B 203 9.71 18.92 3.71
CA GLY B 203 9.18 17.58 3.69
C GLY B 203 9.30 16.98 2.30
N PRO B 204 8.46 15.99 1.95
CA PRO B 204 8.57 15.30 0.67
C PRO B 204 8.22 16.16 -0.53
N VAL B 205 7.55 17.31 -0.35
CA VAL B 205 7.45 18.29 -1.41
C VAL B 205 8.70 19.18 -1.33
N GLU B 206 9.62 18.99 -2.29
CA GLU B 206 10.99 19.50 -2.19
C GLU B 206 11.02 21.03 -2.34
N VAL B 207 11.96 21.66 -1.60
CA VAL B 207 12.12 23.11 -1.59
C VAL B 207 12.39 23.61 -3.00
N GLU B 208 13.13 22.82 -3.79
CA GLU B 208 13.52 23.16 -5.13
C GLU B 208 12.28 23.25 -6.02
N ARG B 209 11.39 22.27 -5.91
CA ARG B 209 10.13 22.31 -6.63
C ARG B 209 9.36 23.57 -6.23
N LEU B 210 9.31 23.87 -4.93
CA LEU B 210 8.53 25.00 -4.46
C LEU B 210 9.13 26.32 -4.94
N LYS B 211 10.46 26.42 -5.07
CA LYS B 211 11.10 27.64 -5.54
C LYS B 211 10.72 27.90 -6.99
N GLU B 212 10.70 26.84 -7.82
CA GLU B 212 10.27 26.94 -9.20
C GLU B 212 8.90 27.60 -9.29
N LEU B 213 8.00 27.22 -8.37
CA LEU B 213 6.62 27.69 -8.40
C LEU B 213 6.46 29.02 -7.65
N PHE B 214 7.31 29.27 -6.66
CA PHE B 214 7.22 30.49 -5.86
C PHE B 214 8.61 31.10 -5.74
N PRO B 215 9.06 31.87 -6.76
CA PRO B 215 10.40 32.43 -6.75
C PRO B 215 10.72 33.26 -5.51
N GLU B 216 9.70 33.86 -4.89
CA GLU B 216 9.90 34.64 -3.68
C GLU B 216 9.77 33.80 -2.40
N LEU B 217 9.79 32.46 -2.50
CA LEU B 217 9.63 31.60 -1.32
C LEU B 217 10.60 32.03 -0.24
N VAL B 218 10.08 32.34 0.96
CA VAL B 218 10.89 32.66 2.12
C VAL B 218 11.19 31.37 2.89
N VAL B 219 12.47 31.14 3.18
CA VAL B 219 12.94 30.05 4.00
C VAL B 219 13.55 30.64 5.27
N PRO B 220 12.81 30.67 6.39
CA PRO B 220 13.32 31.29 7.61
C PRO B 220 14.54 30.57 8.17
N ASP B 221 15.24 31.26 9.07
CA ASP B 221 16.46 30.76 9.67
C ASP B 221 16.21 29.43 10.39
N PHE B 222 15.10 29.33 11.12
CA PHE B 222 14.83 28.17 11.97
C PHE B 222 14.71 26.91 11.12
N VAL B 223 14.32 27.03 9.83
CA VAL B 223 14.22 25.89 8.95
C VAL B 223 15.62 25.39 8.56
N ARG B 224 16.56 26.32 8.41
CA ARG B 224 17.90 26.05 7.90
C ARG B 224 18.82 25.61 9.03
N LYS B 225 18.45 25.96 10.28
CA LYS B 225 19.31 25.74 11.43
C LYS B 225 18.64 24.77 12.40
N GLY B 226 19.20 24.66 13.61
CA GLY B 226 18.68 23.81 14.66
C GLY B 226 19.72 23.59 15.75
N HIS B 241 13.10 18.28 19.75
CA HIS B 241 12.05 17.56 18.97
C HIS B 241 12.69 16.51 18.05
N TYR B 242 11.90 15.47 17.76
CA TYR B 242 12.34 14.30 16.99
C TYR B 242 13.48 13.61 17.75
N ALA B 243 13.50 13.82 19.08
CA ALA B 243 14.67 13.57 19.90
C ALA B 243 14.68 12.12 20.36
N PRO B 244 15.77 11.34 20.09
CA PRO B 244 16.02 10.11 20.83
C PRO B 244 16.58 10.31 22.25
N LEU B 245 16.61 9.21 22.99
CA LEU B 245 16.87 9.19 24.42
C LEU B 245 18.36 9.03 24.75
N LYS B 246 19.22 9.37 23.78
CA LYS B 246 20.65 9.35 23.94
C LYS B 246 21.22 10.60 23.28
N PRO B 247 22.44 11.05 23.66
CA PRO B 247 23.07 12.15 22.96
C PRO B 247 23.22 11.81 21.49
N LEU B 248 22.98 12.78 20.60
CA LEU B 248 23.05 12.57 19.17
C LEU B 248 24.06 13.56 18.57
N ILE B 249 25.11 13.02 17.94
CA ILE B 249 26.17 13.81 17.34
C ILE B 249 25.96 13.81 15.83
N LEU B 250 25.55 14.96 15.28
CA LEU B 250 25.35 15.10 13.84
C LEU B 250 26.63 15.65 13.21
N VAL B 251 27.24 14.85 12.34
CA VAL B 251 28.52 15.19 11.74
C VAL B 251 28.31 15.72 10.32
N GLU B 252 28.14 17.05 10.21
CA GLU B 252 27.97 17.72 8.94
C GLU B 252 29.25 17.63 8.11
N ASP B 253 30.42 17.86 8.73
CA ASP B 253 31.68 17.74 8.02
C ASP B 253 32.26 16.35 8.22
N LEU B 254 32.10 15.48 7.23
CA LEU B 254 32.51 14.08 7.34
C LEU B 254 34.03 13.93 7.43
N THR B 255 34.81 14.98 7.10
CA THR B 255 36.26 14.88 7.22
C THR B 255 36.62 14.72 8.69
N LYS B 256 35.74 15.19 9.60
CA LYS B 256 35.98 15.13 11.03
C LYS B 256 35.43 13.86 11.69
N MET B 257 34.95 12.88 10.92
CA MET B 257 34.25 11.73 11.48
C MET B 257 35.23 10.88 12.31
N GLU B 258 36.43 10.62 11.77
CA GLU B 258 37.43 9.82 12.47
C GLU B 258 37.72 10.40 13.85
N GLU B 259 37.80 11.73 13.91
CA GLU B 259 38.05 12.46 15.16
C GLU B 259 36.85 12.34 16.11
N VAL B 260 35.63 12.35 15.56
CA VAL B 260 34.41 12.25 16.35
C VAL B 260 34.35 10.88 17.01
N LEU B 261 34.67 9.83 16.23
CA LEU B 261 34.61 8.46 16.68
C LEU B 261 35.64 8.20 17.77
N LYS B 262 36.78 8.90 17.71
CA LYS B 262 37.80 8.80 18.74
C LYS B 262 37.35 9.55 20.00
N LYS B 263 36.75 10.73 19.84
CA LYS B 263 36.30 11.49 21.00
C LYS B 263 35.11 10.80 21.69
N TYR B 264 34.35 9.96 20.97
CA TYR B 264 33.19 9.29 21.52
C TYR B 264 33.21 7.82 21.10
N PRO B 265 34.11 7.01 21.71
CA PRO B 265 34.30 5.63 21.26
C PRO B 265 33.15 4.67 21.57
N ASP B 266 32.30 5.04 22.54
CA ASP B 266 31.14 4.23 22.90
C ASP B 266 29.93 4.71 22.11
N HIS B 267 29.70 4.12 20.92
CA HIS B 267 28.80 4.71 19.96
C HIS B 267 28.18 3.67 19.03
N VAL B 268 27.06 4.08 18.43
CA VAL B 268 26.57 3.43 17.23
C VAL B 268 26.47 4.53 16.17
N VAL B 269 26.90 4.20 14.94
CA VAL B 269 26.84 5.14 13.84
C VAL B 269 25.62 4.85 12.98
N ILE B 270 24.84 5.88 12.67
CA ILE B 270 23.81 5.79 11.66
C ILE B 270 24.42 6.29 10.36
N CYS B 271 24.47 5.42 9.34
CA CYS B 271 25.23 5.69 8.13
C CYS B 271 24.54 5.15 6.89
N VAL B 272 25.08 5.54 5.73
CA VAL B 272 24.56 5.13 4.43
C VAL B 272 25.22 3.81 4.01
N GLU B 273 24.57 3.12 3.07
CA GLU B 273 24.99 1.81 2.60
C GLU B 273 26.41 1.90 2.04
N GLU B 274 26.69 2.99 1.33
CA GLU B 274 27.95 3.16 0.62
C GLU B 274 29.13 3.31 1.58
N ARG B 275 28.87 3.61 2.87
CA ARG B 275 29.95 3.88 3.81
C ARG B 275 29.93 2.89 4.99
N LYS B 276 29.19 1.78 4.84
CA LYS B 276 28.86 0.96 6.00
C LYS B 276 30.09 0.21 6.49
N GLU B 277 31.07 0.01 5.59
CA GLU B 277 32.27 -0.76 5.90
C GLU B 277 33.22 0.05 6.76
N LEU B 278 33.02 1.37 6.85
CA LEU B 278 33.93 2.25 7.57
C LEU B 278 33.72 2.15 9.07
N TYR B 279 32.72 1.39 9.52
CA TYR B 279 32.26 1.47 10.90
C TYR B 279 32.03 0.08 11.47
N ASP B 280 32.42 -0.11 12.74
CA ASP B 280 32.28 -1.40 13.40
C ASP B 280 30.85 -1.56 13.91
N ASP B 281 30.30 -0.52 14.52
CA ASP B 281 28.96 -0.53 15.08
C ASP B 281 28.09 0.50 14.36
N ARG B 282 27.22 0.04 13.45
CA ARG B 282 26.45 0.97 12.64
C ARG B 282 25.06 0.42 12.30
N ILE B 283 24.08 1.34 12.24
CA ILE B 283 22.80 1.09 11.62
C ILE B 283 22.83 1.76 10.24
N VAL B 284 22.55 0.97 9.19
CA VAL B 284 22.47 1.51 7.85
C VAL B 284 21.05 2.04 7.63
N VAL B 285 20.90 3.35 7.50
CA VAL B 285 19.58 3.95 7.42
C VAL B 285 19.03 3.86 5.99
N GLY B 286 19.92 3.80 4.99
CA GLY B 286 19.54 3.73 3.59
C GLY B 286 20.76 3.97 2.72
N SER B 287 20.55 4.27 1.42
CA SER B 287 21.65 4.52 0.50
C SER B 287 21.55 5.91 -0.12
N LEU B 288 22.69 6.48 -0.49
CA LEU B 288 22.74 7.73 -1.24
C LEU B 288 22.20 7.54 -2.66
N LYS B 289 22.27 6.31 -3.17
CA LYS B 289 21.70 5.96 -4.47
C LYS B 289 20.19 6.20 -4.48
N ASN B 290 19.49 5.80 -3.40
CA ASN B 290 18.06 5.98 -3.31
C ASN B 290 17.75 6.85 -2.09
N PRO B 291 17.96 8.18 -2.15
CA PRO B 291 17.88 9.00 -0.95
C PRO B 291 16.53 8.94 -0.23
N TYR B 292 15.46 8.53 -0.92
CA TYR B 292 14.14 8.43 -0.30
C TYR B 292 14.16 7.30 0.76
N SER B 293 15.06 6.32 0.58
CA SER B 293 15.24 5.25 1.54
C SER B 293 15.71 5.82 2.88
N ILE B 294 16.56 6.85 2.83
CA ILE B 294 17.07 7.48 4.04
C ILE B 294 15.95 8.17 4.79
N ALA B 295 15.16 8.98 4.08
CA ALA B 295 14.03 9.67 4.68
C ALA B 295 13.04 8.65 5.27
N GLN B 296 12.84 7.54 4.56
CA GLN B 296 11.86 6.53 4.94
C GLN B 296 12.21 5.85 6.26
N ASN B 297 13.52 5.74 6.59
CA ASN B 297 13.97 4.90 7.69
C ASN B 297 14.61 5.68 8.84
N ILE B 298 14.77 7.00 8.74
CA ILE B 298 15.61 7.71 9.70
C ILE B 298 14.97 7.70 11.09
N PHE B 299 13.66 7.93 11.19
CA PHE B 299 13.00 7.89 12.48
C PHE B 299 13.10 6.49 13.09
N SER B 300 12.90 5.43 12.30
CA SER B 300 13.06 4.06 12.77
C SER B 300 14.48 3.81 13.26
N ALA B 301 15.48 4.26 12.49
CA ALA B 301 16.87 4.08 12.85
C ALA B 301 17.14 4.72 14.21
N LEU B 302 16.57 5.91 14.47
CA LEU B 302 16.77 6.58 15.74
C LEU B 302 16.18 5.76 16.88
N ARG B 303 14.97 5.20 16.69
CA ARG B 303 14.31 4.43 17.73
C ARG B 303 15.06 3.14 18.01
N GLU B 304 15.61 2.52 16.95
CA GLU B 304 16.45 1.34 17.07
C GLU B 304 17.73 1.67 17.86
N ALA B 305 18.35 2.83 17.55
CA ALA B 305 19.61 3.22 18.16
C ALA B 305 19.44 3.41 19.67
N GLU B 306 18.33 4.04 20.07
CA GLU B 306 18.14 4.38 21.47
C GLU B 306 17.82 3.16 22.34
N LYS B 307 17.60 1.99 21.73
CA LYS B 307 17.42 0.75 22.48
C LYS B 307 18.75 0.02 22.71
N MET B 308 19.85 0.53 22.12
N MET B 308 19.84 0.53 22.11
CA MET B 308 21.14 -0.12 22.21
CA MET B 308 21.15 -0.12 22.20
C MET B 308 21.86 0.34 23.48
C MET B 308 21.85 0.33 23.48
N GLY B 309 22.90 -0.42 23.85
CA GLY B 309 23.70 -0.11 25.02
C GLY B 309 24.75 0.97 24.73
N LYS B 310 25.08 1.17 23.45
CA LYS B 310 26.04 2.19 23.06
C LYS B 310 25.59 3.57 23.56
N GLU B 311 26.54 4.33 24.12
CA GLU B 311 26.21 5.57 24.80
C GLU B 311 25.75 6.64 23.82
N TYR B 312 26.51 6.80 22.71
CA TYR B 312 26.32 7.90 21.77
C TYR B 312 25.73 7.40 20.46
N ILE B 313 24.78 8.17 19.92
CA ILE B 313 24.35 8.02 18.54
C ILE B 313 25.11 9.05 17.71
N ILE B 314 25.86 8.56 16.72
N ILE B 314 25.88 8.57 16.71
CA ILE B 314 26.59 9.40 15.78
CA ILE B 314 26.58 9.43 15.79
C ILE B 314 25.95 9.24 14.40
C ILE B 314 25.94 9.26 14.42
N VAL B 315 25.50 10.37 13.82
CA VAL B 315 24.79 10.35 12.55
C VAL B 315 25.62 11.09 11.48
N GLU B 316 25.84 10.41 10.35
CA GLU B 316 26.40 11.04 9.17
C GLU B 316 25.50 12.17 8.68
N GLY B 317 26.09 13.34 8.42
CA GLY B 317 25.39 14.45 7.78
C GLY B 317 25.09 14.12 6.32
N PHE B 318 24.04 14.76 5.77
CA PHE B 318 23.65 14.54 4.38
C PHE B 318 23.64 15.86 3.63
N GLU B 319 23.69 15.76 2.30
CA GLU B 319 23.53 16.88 1.39
C GLU B 319 22.23 17.64 1.70
N GLU B 320 22.32 18.97 1.81
CA GLU B 320 21.20 19.81 2.20
C GLU B 320 20.36 20.17 0.96
N ARG B 321 19.88 19.12 0.26
CA ARG B 321 19.20 19.23 -1.01
C ARG B 321 18.22 18.08 -1.19
N GLY B 322 17.10 18.36 -1.88
CA GLY B 322 16.08 17.36 -2.14
C GLY B 322 15.45 16.88 -0.84
N ILE B 323 15.14 15.58 -0.79
CA ILE B 323 14.52 15.00 0.40
C ILE B 323 15.47 15.11 1.59
N LEU B 324 16.79 15.03 1.34
CA LEU B 324 17.76 15.06 2.41
C LEU B 324 17.79 16.40 3.13
N PHE B 325 17.27 17.46 2.49
CA PHE B 325 17.14 18.73 3.17
C PHE B 325 16.17 18.57 4.34
N ALA B 326 15.10 17.79 4.15
CA ALA B 326 14.14 17.50 5.19
C ALA B 326 14.77 16.64 6.28
N VAL B 327 15.50 15.60 5.87
CA VAL B 327 16.17 14.73 6.83
C VAL B 327 17.05 15.58 7.75
N MET B 328 17.86 16.49 7.16
CA MET B 328 18.82 17.28 7.91
C MET B 328 18.10 18.25 8.84
N ASN B 329 16.96 18.77 8.41
CA ASN B 329 16.15 19.65 9.24
C ASN B 329 15.77 18.92 10.52
N ARG B 330 15.38 17.64 10.41
CA ARG B 330 14.91 16.87 11.57
C ARG B 330 16.10 16.57 12.49
N LEU B 331 17.17 16.06 11.90
CA LEU B 331 18.39 15.73 12.63
C LEU B 331 18.96 16.94 13.37
N ARG B 332 18.99 18.12 12.73
CA ARG B 332 19.52 19.29 13.39
C ARG B 332 18.68 19.65 14.61
N LYS B 333 17.36 19.47 14.54
CA LYS B 333 16.50 19.77 15.68
C LYS B 333 16.72 18.74 16.80
N ALA B 334 17.17 17.52 16.44
CA ALA B 334 17.33 16.42 17.39
C ALA B 334 18.73 16.38 18.01
N ALA B 335 19.74 16.93 17.34
CA ALA B 335 21.12 16.71 17.71
C ALA B 335 21.44 17.39 19.05
N THR B 336 22.30 16.78 19.85
CA THR B 336 22.80 17.42 21.06
C THR B 336 24.10 18.16 20.72
N GLU B 337 24.77 17.74 19.64
CA GLU B 337 25.93 18.45 19.12
C GLU B 337 25.94 18.31 17.61
N ILE B 338 26.26 19.42 16.92
CA ILE B 338 26.48 19.43 15.47
C ILE B 338 27.95 19.72 15.21
N VAL B 339 28.62 18.84 14.44
CA VAL B 339 30.03 18.97 14.10
C VAL B 339 30.15 19.48 12.66
N ARG B 340 30.39 20.80 12.51
CA ARG B 340 30.50 21.43 11.20
C ARG B 340 31.98 21.61 10.83
#